data_5T27
#
_entry.id   5T27
#
_cell.length_a   63.790
_cell.length_b   143.665
_cell.length_c   219.844
_cell.angle_alpha   90.00
_cell.angle_beta   90.00
_cell.angle_gamma   90.00
#
_symmetry.space_group_name_H-M   'C 2 2 21'
#
loop_
_entity.id
_entity.type
_entity.pdbx_description
1 polymer 'Phosphatidylinositol 4,5-bisphosphate 3-kinase catalytic subunit delta isoform'
2 non-polymer 3-(benzotriazol-1-yl)-5-[1-methyl-5-[(1~{S})-1-morpholin-4-ylethyl]-1,2,4-triazol-3-yl]pyrazin-2-amine
3 water water
#
_entity_poly.entity_id   1
_entity_poly.type   'polypeptide(L)'
_entity_poly.pdbx_seq_one_letter_code
;GDRVKKLINSQISLLIGKGLHEFDSLRDPEVNDFRTKMRQFCEEAAAHRQQLGWVEWLQYSFPLQLEPSARGWRAGLLRV
SNRALLVNVKFEGSEESFTFQVSTKDMPLALMACALRKKATVFRQPLVEQPEEYALQVNGRHEYLYGNYPLCHFQYICSC
LHSGLTPHLTMVHSSSILAMRDEQSNPAPQVQKPRAKPPPIPAKKPSSVSLWSLEQPFSIELIEGRKVNADERMKLVVQA
GLFHGNEMLCKTVSSSEVNVCSEPVWKQRLEFDISVCDLPRMARLCFALYAVVEKAKKARSTKKKSKKADCPIAWANLML
FDYKDQLKTGERCLYMWPSVPDEKGELLNPAGTVRGNPNTESAAALVIYLPEVAPHPVYFPALEKILELGRHGERGRITE
EEQLQLREILERRGSGELYEHEKDLVWKMRHEVQEHFPEALARLLLVTKWNKHEDVAQMLYLLCSWPELPVLSALELLDF
SFPDCYVGSFAIKSLRKLTDDELFQYLLQLVQVLKYESYLDCELTKFLLGRALANRKIGHFLFWHLRSEMHVPSVALRFG
LIMEAYCRGSTHHMKVLMKQGEALSKLKALNDFVKVSSQKTTKPQTKEMMHMCMRQETYMEALSHLQSPLDPSTLLEEVC
VEQCTFMDSKMKPLWIMYSSEEAGSAGNVGIIFKNGDDLRQDMLTLQMIQLMDVLWKQEGLDLRMTPYGCLPTGDRTGLI
EVVLHSDTIANIQLNKSNMAATAAFNKDALLNWLKSKNPGEALDRAIEEFTLSCAGYCVATYVLGIGDRHSDNIMIRESG
QLFHIDFGHFLGNFKTKFGINRERVPFILTYDFVHVIQQGKTNNSEKFERFRGYCERAYTILRRHGLLFLHLFALMRAAG
LPELSCSKDIQYLKDSLALGKTEEEALKHFRVKFNEALRESWKTKVNWLAHNVSKDNRQ
;
_entity_poly.pdbx_strand_id   A
#
loop_
_chem_comp.id
_chem_comp.type
_chem_comp.name
_chem_comp.formula
74F non-polymer 3-(benzotriazol-1-yl)-5-[1-methyl-5-[(1~{S})-1-morpholin-4-ylethyl]-1,2,4-triazol-3-yl]pyrazin-2-amine 'C19 H22 N10 O'
#
# COMPACT_ATOMS: atom_id res chain seq x y z
N VAL A 4 -32.33 -0.99 -15.15
CA VAL A 4 -31.85 -2.29 -15.62
C VAL A 4 -30.40 -2.56 -15.15
N LYS A 5 -29.94 -3.80 -15.34
CA LYS A 5 -28.61 -4.29 -15.01
C LYS A 5 -27.57 -3.73 -15.99
N LYS A 6 -27.97 -3.49 -17.28
CA LYS A 6 -27.11 -2.98 -18.35
C LYS A 6 -26.41 -1.68 -17.97
N LEU A 7 -27.17 -0.75 -17.35
CA LEU A 7 -26.66 0.54 -16.89
C LEU A 7 -25.54 0.31 -15.84
N ILE A 8 -25.73 -0.65 -14.90
CA ILE A 8 -24.73 -0.99 -13.89
C ILE A 8 -23.47 -1.60 -14.58
N ASN A 9 -23.65 -2.47 -15.59
CA ASN A 9 -22.53 -3.07 -16.33
C ASN A 9 -21.72 -1.99 -17.05
N SER A 10 -22.41 -1.04 -17.69
CA SER A 10 -21.74 0.07 -18.37
C SER A 10 -21.06 1.01 -17.37
N GLN A 11 -21.65 1.14 -16.16
CA GLN A 11 -21.11 1.97 -15.08
C GLN A 11 -19.78 1.41 -14.55
N ILE A 12 -19.73 0.09 -14.26
CA ILE A 12 -18.56 -0.66 -13.81
C ILE A 12 -17.45 -0.58 -14.88
N SER A 13 -17.84 -0.66 -16.18
CA SER A 13 -16.93 -0.63 -17.31
C SER A 13 -16.15 0.66 -17.38
N LEU A 14 -16.87 1.81 -17.42
CA LEU A 14 -16.33 3.17 -17.42
C LEU A 14 -15.46 3.39 -16.17
N LEU A 15 -15.96 2.95 -15.00
CA LEU A 15 -15.28 3.05 -13.70
C LEU A 15 -13.97 2.27 -13.61
N ILE A 16 -13.98 0.97 -13.96
CA ILE A 16 -12.79 0.12 -13.82
C ILE A 16 -11.78 0.40 -14.94
N GLY A 17 -12.24 1.14 -15.95
CA GLY A 17 -11.42 1.55 -17.09
C GLY A 17 -11.16 0.44 -18.09
N LYS A 18 -12.07 -0.55 -18.16
CA LYS A 18 -12.00 -1.70 -19.05
C LYS A 18 -13.42 -2.23 -19.23
N GLY A 19 -13.81 -2.42 -20.48
CA GLY A 19 -15.13 -2.94 -20.85
C GLY A 19 -15.35 -4.37 -20.39
N LEU A 20 -16.54 -4.65 -19.84
CA LEU A 20 -16.92 -5.98 -19.34
C LEU A 20 -16.93 -7.00 -20.47
N HIS A 21 -17.27 -6.55 -21.69
CA HIS A 21 -17.30 -7.34 -22.91
C HIS A 21 -15.90 -7.98 -23.18
N GLU A 22 -14.80 -7.26 -22.85
CA GLU A 22 -13.41 -7.72 -23.01
C GLU A 22 -13.08 -8.98 -22.18
N PHE A 23 -13.86 -9.26 -21.11
CA PHE A 23 -13.68 -10.47 -20.30
C PHE A 23 -14.34 -11.66 -21.00
N ASP A 24 -15.39 -11.37 -21.78
CA ASP A 24 -16.16 -12.35 -22.54
C ASP A 24 -15.42 -12.74 -23.81
N SER A 25 -14.89 -11.76 -24.56
CA SER A 25 -14.11 -11.91 -25.80
C SER A 25 -12.98 -12.95 -25.69
N LEU A 26 -12.30 -12.99 -24.53
CA LEU A 26 -11.21 -13.91 -24.24
C LEU A 26 -11.65 -15.38 -24.27
N ARG A 27 -12.94 -15.65 -23.96
CA ARG A 27 -13.60 -16.96 -23.95
C ARG A 27 -12.84 -17.97 -23.05
N ASP A 28 -12.34 -17.48 -21.90
CA ASP A 28 -11.55 -18.22 -20.92
C ASP A 28 -12.44 -18.68 -19.78
N PRO A 29 -12.47 -19.99 -19.44
CA PRO A 29 -13.32 -20.44 -18.32
C PRO A 29 -12.75 -20.07 -16.94
N GLU A 30 -11.45 -19.70 -16.85
CA GLU A 30 -10.83 -19.26 -15.59
C GLU A 30 -11.33 -17.85 -15.25
N VAL A 31 -11.51 -17.01 -16.29
CA VAL A 31 -12.04 -15.65 -16.19
C VAL A 31 -13.54 -15.77 -15.89
N ASN A 32 -14.24 -16.69 -16.59
CA ASN A 32 -15.68 -16.94 -16.40
C ASN A 32 -16.00 -17.46 -15.02
N ASP A 33 -15.15 -18.34 -14.48
CA ASP A 33 -15.34 -18.91 -13.13
C ASP A 33 -15.05 -17.88 -12.04
N PHE A 34 -13.95 -17.09 -12.18
CA PHE A 34 -13.62 -16.04 -11.22
C PHE A 34 -14.80 -15.06 -11.14
N ARG A 35 -15.28 -14.57 -12.29
CA ARG A 35 -16.38 -13.62 -12.40
C ARG A 35 -17.62 -14.10 -11.68
N THR A 36 -18.11 -15.31 -12.03
CA THR A 36 -19.32 -15.92 -11.49
C THR A 36 -19.20 -16.26 -10.00
N LYS A 37 -18.14 -17.02 -9.61
CA LYS A 37 -17.90 -17.44 -8.22
C LYS A 37 -17.79 -16.25 -7.27
N MET A 38 -16.85 -15.33 -7.55
CA MET A 38 -16.62 -14.12 -6.77
C MET A 38 -17.81 -13.18 -6.71
N ARG A 39 -18.57 -13.04 -7.81
CA ARG A 39 -19.80 -12.21 -7.83
C ARG A 39 -20.74 -12.65 -6.70
N GLN A 40 -21.07 -13.96 -6.64
CA GLN A 40 -21.95 -14.54 -5.62
C GLN A 40 -21.44 -14.25 -4.20
N PHE A 41 -20.11 -14.41 -3.99
CA PHE A 41 -19.36 -14.17 -2.76
C PHE A 41 -19.53 -12.72 -2.31
N CYS A 42 -19.48 -11.78 -3.28
CA CYS A 42 -19.61 -10.36 -3.01
C CYS A 42 -21.06 -10.00 -2.75
N GLU A 43 -22.00 -10.63 -3.47
CA GLU A 43 -23.43 -10.43 -3.26
C GLU A 43 -23.90 -10.96 -1.90
N GLU A 44 -23.25 -12.03 -1.40
CA GLU A 44 -23.50 -12.64 -0.07
C GLU A 44 -23.06 -11.62 1.00
N ALA A 45 -21.84 -11.02 0.80
CA ALA A 45 -21.23 -10.01 1.65
C ALA A 45 -22.05 -8.70 1.65
N ALA A 46 -22.61 -8.35 0.49
CA ALA A 46 -23.49 -7.20 0.33
C ALA A 46 -24.77 -7.39 1.16
N ALA A 47 -25.34 -8.62 1.14
CA ALA A 47 -26.59 -8.99 1.82
C ALA A 47 -26.46 -8.91 3.32
N HIS A 48 -25.41 -9.56 3.89
CA HIS A 48 -25.07 -9.59 5.32
C HIS A 48 -25.05 -8.17 5.91
N ARG A 49 -24.50 -7.22 5.12
CA ARG A 49 -24.36 -5.81 5.42
C ARG A 49 -25.71 -5.09 5.58
N GLN A 50 -26.70 -5.42 4.73
CA GLN A 50 -28.02 -4.77 4.77
C GLN A 50 -28.86 -5.14 6.00
N GLN A 51 -28.52 -6.25 6.69
CA GLN A 51 -29.26 -6.67 7.89
C GLN A 51 -28.52 -6.35 9.21
N LEU A 52 -27.37 -5.64 9.11
CA LEU A 52 -26.54 -5.23 10.25
C LEU A 52 -27.28 -4.21 11.11
N GLY A 53 -26.94 -4.17 12.40
CA GLY A 53 -27.47 -3.18 13.33
C GLY A 53 -26.84 -1.84 13.00
N TRP A 54 -27.49 -0.73 13.35
CA TRP A 54 -27.03 0.61 13.01
C TRP A 54 -25.58 0.92 13.46
N VAL A 55 -25.14 0.40 14.62
CA VAL A 55 -23.76 0.62 15.09
C VAL A 55 -22.79 -0.20 14.22
N GLU A 56 -23.13 -1.47 13.93
CA GLU A 56 -22.35 -2.39 13.09
C GLU A 56 -22.15 -1.77 11.69
N TRP A 57 -23.21 -1.12 11.13
CA TRP A 57 -23.18 -0.44 9.83
C TRP A 57 -22.27 0.79 9.90
N LEU A 58 -22.33 1.54 11.02
CA LEU A 58 -21.46 2.70 11.23
C LEU A 58 -20.00 2.24 11.25
N GLN A 59 -19.72 1.01 11.77
CA GLN A 59 -18.38 0.42 11.82
C GLN A 59 -17.89 0.04 10.42
N TYR A 60 -18.83 -0.20 9.49
CA TYR A 60 -18.51 -0.52 8.10
C TYR A 60 -18.26 0.75 7.31
N SER A 61 -19.26 1.65 7.30
CA SER A 61 -19.30 2.88 6.52
C SER A 61 -18.29 3.90 7.01
N PHE A 62 -18.32 4.19 8.31
CA PHE A 62 -17.45 5.18 8.91
C PHE A 62 -16.68 4.56 10.07
N PRO A 63 -15.70 3.67 9.81
CA PRO A 63 -14.94 3.10 10.93
C PRO A 63 -14.18 4.17 11.70
N LEU A 64 -14.12 4.03 13.03
CA LEU A 64 -13.50 4.96 13.96
C LEU A 64 -12.06 5.29 13.67
N GLN A 65 -11.73 6.60 13.75
CA GLN A 65 -10.38 7.11 13.58
C GLN A 65 -9.80 7.28 14.99
N LEU A 66 -9.17 6.21 15.51
CA LEU A 66 -8.61 6.17 16.86
C LEU A 66 -7.09 6.41 16.92
N GLU A 67 -6.63 6.89 18.09
CA GLU A 67 -5.23 7.18 18.37
C GLU A 67 -4.47 5.91 18.80
N PRO A 68 -3.17 5.77 18.45
CA PRO A 68 -2.42 4.59 18.89
C PRO A 68 -1.87 4.75 20.31
N ASN A 82 -9.06 14.43 32.05
CA ASN A 82 -7.74 15.03 32.23
C ASN A 82 -7.82 16.56 32.14
N ARG A 83 -8.28 17.10 30.98
CA ARG A 83 -8.39 18.54 30.73
C ARG A 83 -9.74 18.89 30.08
N ALA A 84 -10.31 20.05 30.46
CA ALA A 84 -11.60 20.54 29.96
C ALA A 84 -11.46 21.29 28.62
N LEU A 85 -12.43 21.06 27.71
CA LEU A 85 -12.46 21.65 26.38
C LEU A 85 -13.88 22.03 25.93
N LEU A 86 -14.00 23.11 25.16
CA LEU A 86 -15.28 23.54 24.62
C LEU A 86 -15.55 22.78 23.34
N VAL A 87 -16.75 22.20 23.24
CA VAL A 87 -17.23 21.38 22.14
C VAL A 87 -18.61 21.92 21.68
N ASN A 88 -18.78 22.12 20.35
CA ASN A 88 -20.05 22.60 19.77
C ASN A 88 -20.86 21.42 19.20
N VAL A 89 -22.12 21.27 19.65
CA VAL A 89 -23.01 20.19 19.26
C VAL A 89 -24.31 20.74 18.71
N LYS A 90 -24.72 20.22 17.54
CA LYS A 90 -26.00 20.56 16.92
C LYS A 90 -26.74 19.26 16.53
N PHE A 91 -28.06 19.33 16.34
CA PHE A 91 -28.87 18.20 15.91
C PHE A 91 -29.09 18.31 14.38
N GLU A 92 -29.19 17.15 13.71
CA GLU A 92 -29.32 16.97 12.26
C GLU A 92 -30.19 18.01 11.52
N GLY A 93 -31.49 18.07 11.83
CA GLY A 93 -32.43 18.95 11.15
C GLY A 93 -32.70 20.30 11.79
N SER A 94 -31.64 21.01 12.22
CA SER A 94 -31.74 22.33 12.86
C SER A 94 -30.44 23.11 12.76
N GLU A 95 -30.55 24.45 12.70
CA GLU A 95 -29.42 25.37 12.65
C GLU A 95 -28.90 25.64 14.08
N GLU A 96 -29.75 25.36 15.10
CA GLU A 96 -29.48 25.57 16.52
C GLU A 96 -28.35 24.67 17.05
N SER A 97 -27.38 25.29 17.73
CA SER A 97 -26.21 24.60 18.30
C SER A 97 -25.94 25.03 19.72
N PHE A 98 -25.40 24.11 20.52
CA PHE A 98 -25.06 24.36 21.92
C PHE A 98 -23.57 24.09 22.13
N THR A 99 -22.87 25.07 22.73
CA THR A 99 -21.44 24.94 23.04
C THR A 99 -21.33 24.54 24.52
N PHE A 100 -20.75 23.35 24.77
CA PHE A 100 -20.58 22.76 26.11
C PHE A 100 -19.14 22.71 26.51
N GLN A 101 -18.88 22.67 27.82
CA GLN A 101 -17.55 22.48 28.38
C GLN A 101 -17.53 21.08 28.98
N VAL A 102 -16.84 20.17 28.30
CA VAL A 102 -16.69 18.76 28.68
C VAL A 102 -15.21 18.44 28.90
N SER A 103 -14.90 17.22 29.36
CA SER A 103 -13.54 16.75 29.60
C SER A 103 -13.01 15.88 28.45
N THR A 104 -11.68 15.70 28.41
CA THR A 104 -11.01 14.85 27.43
C THR A 104 -11.13 13.37 27.83
N LYS A 105 -11.38 13.09 29.13
CA LYS A 105 -11.57 11.75 29.70
C LYS A 105 -13.02 11.26 29.53
N ASP A 106 -13.95 12.19 29.24
CA ASP A 106 -15.38 11.96 29.02
C ASP A 106 -15.62 11.07 27.81
N MET A 107 -16.59 10.15 27.90
CA MET A 107 -16.99 9.22 26.84
C MET A 107 -18.00 9.93 25.91
N PRO A 108 -18.16 9.53 24.61
CA PRO A 108 -19.14 10.20 23.74
C PRO A 108 -20.57 10.27 24.29
N LEU A 109 -20.99 9.23 25.04
CA LEU A 109 -22.32 9.07 25.65
C LEU A 109 -22.68 10.23 26.60
N ALA A 110 -21.72 10.65 27.45
CA ALA A 110 -21.90 11.75 28.40
C ALA A 110 -22.13 13.06 27.66
N LEU A 111 -21.46 13.22 26.50
CA LEU A 111 -21.59 14.38 25.61
C LEU A 111 -22.96 14.36 24.94
N MET A 112 -23.42 13.16 24.54
CA MET A 112 -24.71 12.92 23.91
C MET A 112 -25.84 13.18 24.90
N ALA A 113 -25.60 12.83 26.18
CA ALA A 113 -26.53 13.03 27.30
C ALA A 113 -26.74 14.53 27.52
N CYS A 114 -25.61 15.32 27.61
CA CYS A 114 -25.59 16.78 27.76
C CYS A 114 -26.39 17.41 26.62
N ALA A 115 -26.10 16.98 25.37
CA ALA A 115 -26.75 17.45 24.14
C ALA A 115 -28.26 17.16 24.12
N LEU A 116 -28.70 16.02 24.68
CA LEU A 116 -30.11 15.67 24.75
C LEU A 116 -30.85 16.52 25.78
N ARG A 117 -30.29 16.61 27.02
CA ARG A 117 -30.82 17.38 28.14
C ARG A 117 -31.05 18.85 27.76
N LYS A 118 -30.06 19.47 27.07
CA LYS A 118 -30.15 20.85 26.61
C LYS A 118 -31.20 21.01 25.51
N LYS A 119 -31.43 19.97 24.69
CA LYS A 119 -32.47 20.02 23.65
C LYS A 119 -33.86 19.92 24.29
N ALA A 120 -33.99 19.07 25.34
CA ALA A 120 -35.22 18.83 26.08
C ALA A 120 -35.69 20.02 26.92
N THR A 121 -34.76 20.81 27.48
CA THR A 121 -35.11 21.97 28.32
C THR A 121 -35.49 23.18 27.46
N VAL A 122 -34.80 23.37 26.33
CA VAL A 122 -35.07 24.47 25.38
C VAL A 122 -36.45 24.26 24.71
N PHE A 123 -36.73 23.02 24.25
CA PHE A 123 -37.98 22.65 23.58
C PHE A 123 -39.09 22.15 24.54
N ARG A 124 -38.80 22.14 25.87
CA ARG A 124 -39.67 21.76 26.99
C ARG A 124 -40.16 20.30 26.93
N GLN A 125 -39.53 19.43 27.74
CA GLN A 125 -39.84 18.00 27.85
C GLN A 125 -41.00 17.82 28.85
N GLN A 130 -33.08 9.23 25.02
CA GLN A 130 -32.05 8.30 25.46
C GLN A 130 -30.74 8.46 24.63
N PRO A 131 -29.55 8.58 25.27
CA PRO A 131 -28.30 8.82 24.49
C PRO A 131 -27.76 7.66 23.67
N GLU A 132 -28.16 6.41 23.98
CA GLU A 132 -27.71 5.22 23.25
C GLU A 132 -28.40 5.08 21.89
N GLU A 133 -29.18 6.09 21.47
CA GLU A 133 -29.91 6.10 20.21
C GLU A 133 -29.19 6.96 19.17
N TYR A 134 -28.17 7.70 19.60
CA TYR A 134 -27.44 8.62 18.73
C TYR A 134 -25.97 8.24 18.50
N ALA A 135 -25.32 8.98 17.59
CA ALA A 135 -23.89 8.93 17.28
C ALA A 135 -23.48 10.35 16.91
N LEU A 136 -22.23 10.73 17.19
CA LEU A 136 -21.73 12.08 16.93
C LEU A 136 -20.96 12.18 15.63
N GLN A 137 -21.55 12.82 14.62
CA GLN A 137 -20.88 13.00 13.34
C GLN A 137 -19.95 14.20 13.40
N VAL A 138 -18.72 14.09 12.84
CA VAL A 138 -17.77 15.21 12.73
C VAL A 138 -18.38 16.09 11.64
N ASN A 139 -18.50 17.40 11.91
CA ASN A 139 -19.11 18.33 10.95
C ASN A 139 -18.38 18.40 9.62
N GLY A 140 -19.13 18.14 8.56
CA GLY A 140 -18.64 18.17 7.18
C GLY A 140 -17.61 17.11 6.83
N ARG A 141 -17.69 15.96 7.53
CA ARG A 141 -16.83 14.80 7.32
C ARG A 141 -17.66 13.51 7.41
N HIS A 142 -17.17 12.43 6.79
CA HIS A 142 -17.81 11.10 6.89
C HIS A 142 -17.08 10.31 7.99
N GLU A 143 -16.98 10.96 9.16
CA GLU A 143 -16.34 10.48 10.39
C GLU A 143 -17.37 10.56 11.48
N TYR A 144 -17.38 9.57 12.36
CA TYR A 144 -18.31 9.51 13.49
C TYR A 144 -17.58 9.18 14.79
N LEU A 145 -18.19 9.56 15.93
CA LEU A 145 -17.70 9.34 17.30
C LEU A 145 -18.72 8.50 18.04
N TYR A 146 -18.32 7.27 18.35
CA TYR A 146 -19.09 6.25 19.05
C TYR A 146 -18.15 5.29 19.77
N GLY A 147 -18.73 4.41 20.58
CA GLY A 147 -18.00 3.41 21.35
C GLY A 147 -17.53 3.91 22.69
N ASN A 148 -17.23 2.97 23.60
CA ASN A 148 -16.75 3.27 24.95
C ASN A 148 -15.27 3.65 24.89
N TYR A 149 -15.00 4.92 24.51
CA TYR A 149 -13.66 5.49 24.38
C TYR A 149 -13.64 6.94 24.88
N PRO A 150 -12.71 7.35 25.78
CA PRO A 150 -12.65 8.77 26.14
C PRO A 150 -12.43 9.61 24.88
N LEU A 151 -13.00 10.81 24.83
CA LEU A 151 -12.93 11.70 23.67
C LEU A 151 -11.50 12.01 23.20
N CYS A 152 -10.49 11.93 24.09
CA CYS A 152 -9.09 12.18 23.69
C CYS A 152 -8.48 11.03 22.88
N HIS A 153 -9.21 9.92 22.69
CA HIS A 153 -8.74 8.77 21.91
C HIS A 153 -9.15 8.89 20.42
N PHE A 154 -10.01 9.87 20.09
CA PHE A 154 -10.49 10.13 18.72
C PHE A 154 -9.55 11.14 18.03
N GLN A 155 -9.11 10.80 16.81
CA GLN A 155 -8.18 11.59 16.00
C GLN A 155 -8.67 13.02 15.69
N TYR A 156 -9.98 13.24 15.55
CA TYR A 156 -10.52 14.57 15.27
C TYR A 156 -10.36 15.49 16.47
N ILE A 157 -10.62 14.94 17.67
CA ILE A 157 -10.48 15.65 18.94
C ILE A 157 -9.00 15.98 19.15
N CYS A 158 -8.11 14.99 18.94
CA CYS A 158 -6.66 15.14 19.08
C CYS A 158 -6.07 16.16 18.11
N SER A 159 -6.57 16.22 16.85
CA SER A 159 -6.10 17.22 15.89
C SER A 159 -6.56 18.62 16.34
N CYS A 160 -7.79 18.70 16.89
CA CYS A 160 -8.40 19.93 17.42
C CYS A 160 -7.66 20.47 18.65
N LEU A 161 -7.36 19.61 19.65
CA LEU A 161 -6.64 19.97 20.88
C LEU A 161 -5.24 20.53 20.61
N HIS A 162 -4.58 20.07 19.54
CA HIS A 162 -3.25 20.51 19.15
C HIS A 162 -3.28 21.81 18.34
N SER A 163 -4.28 21.94 17.43
CA SER A 163 -4.49 23.13 16.60
C SER A 163 -5.19 24.27 17.38
N GLY A 164 -5.78 23.93 18.53
CA GLY A 164 -6.50 24.86 19.39
C GLY A 164 -7.99 24.95 19.09
N LEU A 165 -8.36 24.69 17.80
CA LEU A 165 -9.72 24.71 17.26
C LEU A 165 -10.77 23.96 18.08
N THR A 166 -12.04 24.39 17.95
CA THR A 166 -13.19 23.83 18.67
C THR A 166 -13.86 22.70 17.88
N PRO A 167 -14.01 21.49 18.48
CA PRO A 167 -14.69 20.40 17.76
C PRO A 167 -16.18 20.66 17.55
N HIS A 168 -16.65 20.55 16.29
CA HIS A 168 -18.04 20.72 15.92
C HIS A 168 -18.62 19.36 15.54
N LEU A 169 -19.61 18.88 16.31
CA LEU A 169 -20.23 17.59 16.09
C LEU A 169 -21.72 17.71 15.87
N THR A 170 -22.34 16.67 15.28
CA THR A 170 -23.79 16.63 15.01
C THR A 170 -24.37 15.35 15.57
N MET A 171 -25.48 15.47 16.35
CA MET A 171 -26.19 14.35 16.95
C MET A 171 -27.01 13.66 15.87
N VAL A 172 -26.57 12.46 15.45
CA VAL A 172 -27.23 11.66 14.41
C VAL A 172 -27.91 10.47 15.04
N HIS A 173 -29.25 10.41 14.92
CA HIS A 173 -30.14 9.37 15.46
C HIS A 173 -30.13 8.10 14.62
N SER A 174 -30.29 6.95 15.32
CA SER A 174 -30.36 5.59 14.76
C SER A 174 -31.21 5.44 13.50
N SER A 175 -32.45 6.00 13.49
CA SER A 175 -33.38 5.95 12.36
C SER A 175 -32.87 6.66 11.10
N SER A 176 -31.96 7.64 11.28
CA SER A 176 -31.34 8.41 10.20
C SER A 176 -30.14 7.66 9.60
N ILE A 177 -29.36 6.94 10.45
CA ILE A 177 -28.26 6.06 10.03
C ILE A 177 -28.89 4.84 9.31
N LEU A 178 -30.05 4.37 9.83
CA LEU A 178 -30.79 3.26 9.25
C LEU A 178 -31.41 3.64 7.91
N ALA A 179 -31.67 4.94 7.69
CA ALA A 179 -32.19 5.42 6.41
C ALA A 179 -31.08 5.35 5.36
N MET A 180 -29.81 5.55 5.78
CA MET A 180 -28.62 5.49 4.93
C MET A 180 -28.41 4.05 4.44
N ARG A 181 -28.33 3.08 5.40
CA ARG A 181 -28.20 1.65 5.12
C ARG A 181 -29.23 1.18 4.08
N ASP A 182 -30.44 1.76 4.12
CA ASP A 182 -31.55 1.44 3.23
C ASP A 182 -31.42 2.07 1.85
N GLU A 183 -30.97 3.34 1.77
CA GLU A 183 -30.79 4.03 0.47
C GLU A 183 -29.43 3.66 -0.19
N GLN A 184 -28.61 2.83 0.49
CA GLN A 184 -27.32 2.34 0.01
C GLN A 184 -27.34 0.84 -0.36
N SER A 185 -28.56 0.28 -0.53
CA SER A 185 -28.83 -1.10 -0.91
C SER A 185 -28.56 -1.38 -2.42
N ASN A 186 -28.65 -2.67 -2.83
CA ASN A 186 -28.42 -3.15 -4.18
C ASN A 186 -29.72 -3.68 -4.81
N LEU A 211 -0.73 -38.12 -11.27
CA LEU A 211 -0.57 -38.75 -9.96
C LEU A 211 0.83 -39.40 -9.79
N TRP A 212 0.99 -40.26 -8.76
CA TRP A 212 2.25 -40.95 -8.42
C TRP A 212 2.72 -41.97 -9.47
N SER A 213 1.77 -42.53 -10.26
CA SER A 213 2.02 -43.55 -11.30
C SER A 213 3.01 -43.15 -12.39
N LEU A 214 2.98 -41.86 -12.80
CA LEU A 214 3.84 -41.34 -13.86
C LEU A 214 5.28 -41.15 -13.39
N GLU A 215 6.09 -42.21 -13.52
CA GLU A 215 7.49 -42.18 -13.08
C GLU A 215 8.51 -41.84 -14.18
N GLN A 216 8.03 -41.40 -15.37
CA GLN A 216 8.90 -40.97 -16.47
C GLN A 216 9.30 -39.48 -16.30
N PRO A 217 10.48 -39.01 -16.80
CA PRO A 217 10.83 -37.59 -16.60
C PRO A 217 9.91 -36.62 -17.35
N PHE A 218 9.82 -35.38 -16.85
CA PHE A 218 9.02 -34.34 -17.50
C PHE A 218 9.76 -33.82 -18.73
N SER A 219 9.02 -33.71 -19.85
CA SER A 219 9.56 -33.24 -21.12
C SER A 219 8.55 -32.37 -21.87
N ILE A 220 9.05 -31.54 -22.80
CA ILE A 220 8.26 -30.66 -23.67
C ILE A 220 8.86 -30.66 -25.08
N GLU A 221 8.11 -30.14 -26.05
CA GLU A 221 8.57 -29.99 -27.41
C GLU A 221 8.57 -28.50 -27.74
N LEU A 222 9.75 -27.93 -27.99
CA LEU A 222 9.90 -26.54 -28.38
C LEU A 222 9.75 -26.53 -29.90
N ILE A 223 8.56 -26.14 -30.41
CA ILE A 223 8.26 -26.14 -31.85
C ILE A 223 8.99 -24.99 -32.57
N GLU A 224 8.43 -23.76 -32.55
CA GLU A 224 9.02 -22.61 -33.25
C GLU A 224 8.80 -21.27 -32.51
N GLY A 225 9.46 -20.22 -32.99
CA GLY A 225 9.36 -18.87 -32.46
C GLY A 225 9.01 -17.82 -33.49
N ARG A 226 9.03 -16.52 -33.09
CA ARG A 226 8.75 -15.34 -33.94
C ARG A 226 9.56 -14.09 -33.49
N LYS A 227 9.34 -12.95 -34.19
CA LYS A 227 9.87 -11.59 -33.96
C LYS A 227 11.41 -11.40 -33.97
N VAL A 228 11.81 -10.10 -34.07
CA VAL A 228 13.10 -9.37 -34.25
C VAL A 228 14.32 -9.81 -33.38
N ASN A 229 15.47 -9.10 -33.62
CA ASN A 229 16.85 -9.11 -33.07
C ASN A 229 17.88 -9.74 -34.03
N ALA A 230 19.11 -9.14 -34.10
CA ALA A 230 20.25 -9.53 -34.96
C ALA A 230 20.59 -11.02 -34.93
N ARG A 233 22.57 -12.86 -38.21
CA ARG A 233 23.92 -12.55 -37.73
C ARG A 233 24.28 -13.42 -36.51
N MET A 234 23.43 -13.40 -35.48
CA MET A 234 23.58 -14.18 -34.26
C MET A 234 22.61 -15.38 -34.26
N LYS A 235 22.72 -16.28 -33.25
CA LYS A 235 21.85 -17.45 -33.13
C LYS A 235 20.99 -17.36 -31.88
N LEU A 236 19.73 -17.81 -32.00
CA LEU A 236 18.75 -17.75 -30.93
C LEU A 236 18.63 -19.06 -30.13
N VAL A 237 18.90 -18.94 -28.82
CA VAL A 237 18.85 -20.00 -27.82
C VAL A 237 17.61 -19.75 -26.96
N VAL A 238 16.92 -20.83 -26.57
CA VAL A 238 15.75 -20.75 -25.70
C VAL A 238 16.08 -21.55 -24.43
N GLN A 239 16.41 -20.83 -23.33
CA GLN A 239 16.71 -21.46 -22.04
C GLN A 239 15.38 -21.80 -21.36
N ALA A 240 15.24 -23.04 -20.86
CA ALA A 240 14.03 -23.52 -20.19
C ALA A 240 14.34 -24.18 -18.86
N GLY A 241 13.70 -23.71 -17.81
CA GLY A 241 13.86 -24.20 -16.45
C GLY A 241 12.52 -24.38 -15.75
N LEU A 242 12.52 -25.20 -14.68
CA LEU A 242 11.33 -25.44 -13.87
C LEU A 242 11.59 -24.87 -12.48
N PHE A 243 10.63 -24.10 -11.96
CA PHE A 243 10.76 -23.45 -10.66
C PHE A 243 9.55 -23.61 -9.76
N HIS A 244 9.83 -23.64 -8.45
CA HIS A 244 8.86 -23.62 -7.38
C HIS A 244 9.29 -22.40 -6.55
N GLY A 245 8.77 -21.23 -6.96
CA GLY A 245 9.13 -19.96 -6.35
C GLY A 245 10.45 -19.49 -6.93
N ASN A 246 11.39 -19.08 -6.07
CA ASN A 246 12.72 -18.61 -6.48
C ASN A 246 13.71 -19.77 -6.71
N GLU A 247 13.27 -21.01 -6.46
CA GLU A 247 14.14 -22.18 -6.57
C GLU A 247 13.81 -23.11 -7.73
N MET A 248 14.88 -23.60 -8.37
CA MET A 248 14.83 -24.58 -9.46
C MET A 248 14.53 -25.95 -8.87
N LEU A 249 13.66 -26.72 -9.56
CA LEU A 249 13.30 -28.08 -9.18
C LEU A 249 14.29 -29.10 -9.78
N CYS A 250 15.04 -28.67 -10.82
CA CYS A 250 16.06 -29.42 -11.53
C CYS A 250 16.96 -28.42 -12.28
N LYS A 251 18.09 -28.88 -12.87
CA LYS A 251 18.98 -28.00 -13.62
C LYS A 251 18.38 -27.65 -14.98
N THR A 252 18.56 -26.37 -15.40
CA THR A 252 18.04 -25.83 -16.67
C THR A 252 18.51 -26.60 -17.91
N VAL A 253 17.66 -26.61 -18.96
CA VAL A 253 18.00 -27.23 -20.24
C VAL A 253 17.84 -26.19 -21.34
N SER A 254 18.95 -25.90 -22.03
CA SER A 254 18.99 -24.92 -23.11
C SER A 254 18.78 -25.56 -24.48
N SER A 255 18.18 -24.79 -25.39
CA SER A 255 17.88 -25.17 -26.76
C SER A 255 19.15 -25.15 -27.63
N SER A 256 19.12 -25.87 -28.76
CA SER A 256 20.21 -25.91 -29.73
C SER A 256 20.21 -24.60 -30.52
N GLU A 257 21.41 -24.06 -30.81
CA GLU A 257 21.58 -22.82 -31.56
C GLU A 257 20.99 -22.91 -32.98
N VAL A 258 20.03 -22.01 -33.28
CA VAL A 258 19.32 -21.86 -34.55
C VAL A 258 19.43 -20.39 -35.00
N ASN A 259 19.76 -20.14 -36.29
CA ASN A 259 19.87 -18.80 -36.90
C ASN A 259 18.49 -18.13 -36.97
N VAL A 260 18.47 -16.77 -37.07
CA VAL A 260 17.24 -15.98 -37.17
C VAL A 260 16.56 -16.21 -38.53
N GLU A 263 11.83 -15.38 -37.57
CA GLU A 263 10.93 -16.51 -37.32
C GLU A 263 11.69 -17.87 -37.35
N PRO A 264 12.17 -18.37 -36.18
CA PRO A 264 12.96 -19.62 -36.18
C PRO A 264 12.15 -20.89 -35.91
N VAL A 265 12.71 -22.06 -36.28
CA VAL A 265 12.09 -23.39 -36.09
C VAL A 265 13.07 -24.30 -35.32
N TRP A 266 12.60 -24.92 -34.23
CA TRP A 266 13.39 -25.82 -33.38
C TRP A 266 12.97 -27.28 -33.49
N LYS A 267 11.68 -27.60 -33.21
CA LYS A 267 11.08 -28.95 -33.25
C LYS A 267 11.95 -29.97 -32.45
N GLN A 268 12.57 -29.48 -31.36
CA GLN A 268 13.50 -30.19 -30.49
C GLN A 268 12.85 -30.63 -29.18
N ARG A 269 13.22 -31.83 -28.71
CA ARG A 269 12.73 -32.39 -27.45
C ARG A 269 13.60 -31.91 -26.30
N LEU A 270 12.97 -31.29 -25.30
CA LEU A 270 13.64 -30.81 -24.09
C LEU A 270 13.10 -31.59 -22.91
N GLU A 271 13.98 -32.37 -22.24
CA GLU A 271 13.65 -33.19 -21.07
C GLU A 271 14.28 -32.59 -19.82
N PHE A 272 13.61 -32.74 -18.67
CA PHE A 272 14.08 -32.22 -17.39
C PHE A 272 14.43 -33.35 -16.42
N ASP A 273 15.36 -33.08 -15.48
CA ASP A 273 15.80 -34.08 -14.51
C ASP A 273 14.86 -34.15 -13.29
N ILE A 274 13.58 -34.46 -13.56
CA ILE A 274 12.52 -34.58 -12.56
C ILE A 274 11.40 -35.49 -13.09
N SER A 275 10.88 -36.36 -12.22
CA SER A 275 9.79 -37.27 -12.54
C SER A 275 8.46 -36.51 -12.53
N VAL A 276 7.54 -36.81 -13.47
CA VAL A 276 6.23 -36.17 -13.58
C VAL A 276 5.45 -36.28 -12.24
N CYS A 277 5.60 -37.41 -11.52
CA CYS A 277 4.97 -37.64 -10.20
C CYS A 277 5.58 -36.74 -9.09
N ASP A 278 6.76 -36.15 -9.36
CA ASP A 278 7.48 -35.31 -8.41
C ASP A 278 7.20 -33.81 -8.55
N LEU A 279 6.54 -33.41 -9.65
CA LEU A 279 6.16 -32.03 -9.94
C LEU A 279 5.26 -31.44 -8.82
N PRO A 280 5.70 -30.35 -8.14
CA PRO A 280 4.83 -29.75 -7.11
C PRO A 280 3.69 -29.00 -7.77
N ARG A 281 2.55 -28.92 -7.07
CA ARG A 281 1.34 -28.26 -7.55
C ARG A 281 1.58 -26.86 -8.16
N MET A 282 2.46 -26.08 -7.53
CA MET A 282 2.73 -24.71 -7.98
C MET A 282 4.00 -24.57 -8.85
N ALA A 283 4.34 -25.61 -9.61
CA ALA A 283 5.48 -25.62 -10.51
C ALA A 283 5.28 -24.68 -11.71
N ARG A 284 6.30 -23.84 -11.98
CA ARG A 284 6.38 -22.85 -13.05
C ARG A 284 7.42 -23.25 -14.09
N LEU A 285 7.00 -23.35 -15.37
CA LEU A 285 7.92 -23.64 -16.46
C LEU A 285 8.30 -22.30 -17.03
N CYS A 286 9.58 -21.94 -16.90
CA CYS A 286 10.08 -20.64 -17.30
C CYS A 286 10.97 -20.68 -18.52
N PHE A 287 10.63 -19.83 -19.51
CA PHE A 287 11.34 -19.70 -20.78
C PHE A 287 12.00 -18.34 -20.91
N ALA A 288 13.13 -18.28 -21.65
CA ALA A 288 13.87 -17.06 -21.97
C ALA A 288 14.48 -17.19 -23.37
N LEU A 289 14.04 -16.32 -24.31
CA LEU A 289 14.51 -16.23 -25.70
C LEU A 289 15.58 -15.14 -25.76
N TYR A 290 16.79 -15.51 -26.18
CA TYR A 290 17.91 -14.59 -26.26
C TYR A 290 18.81 -14.90 -27.46
N ALA A 291 19.66 -13.92 -27.84
CA ALA A 291 20.61 -14.04 -28.96
C ALA A 291 22.03 -14.15 -28.43
N VAL A 292 22.89 -14.84 -29.21
CA VAL A 292 24.30 -15.02 -28.85
C VAL A 292 25.19 -15.14 -30.11
N VAL A 293 26.47 -14.69 -30.00
CA VAL A 293 27.48 -14.75 -31.07
C VAL A 293 27.93 -16.21 -31.25
N ASP A 310 25.79 -11.84 -23.77
CA ASP A 310 24.49 -12.19 -24.35
C ASP A 310 23.58 -10.96 -24.49
N CYS A 311 22.56 -11.07 -25.36
CA CYS A 311 21.52 -10.06 -25.56
C CYS A 311 20.15 -10.70 -25.28
N PRO A 312 19.48 -10.32 -24.16
CA PRO A 312 18.16 -10.92 -23.89
C PRO A 312 17.08 -10.32 -24.78
N ILE A 313 16.16 -11.16 -25.27
CA ILE A 313 15.09 -10.67 -26.14
C ILE A 313 13.73 -10.71 -25.42
N ALA A 314 13.28 -11.91 -25.00
CA ALA A 314 11.96 -12.10 -24.39
C ALA A 314 11.92 -13.21 -23.33
N TRP A 315 10.84 -13.24 -22.54
CA TRP A 315 10.64 -14.22 -21.48
C TRP A 315 9.15 -14.56 -21.35
N ALA A 316 8.82 -15.78 -20.91
CA ALA A 316 7.45 -16.23 -20.69
C ALA A 316 7.45 -17.43 -19.76
N ASN A 317 6.46 -17.52 -18.87
CA ASN A 317 6.32 -18.60 -17.90
C ASN A 317 4.91 -19.15 -17.94
N LEU A 318 4.71 -20.35 -17.35
CA LEU A 318 3.40 -21.00 -17.25
C LEU A 318 3.36 -22.07 -16.18
N MET A 319 2.20 -22.20 -15.55
CA MET A 319 1.94 -23.23 -14.56
C MET A 319 1.74 -24.53 -15.34
N LEU A 320 2.28 -25.66 -14.85
CA LEU A 320 2.10 -26.95 -15.52
C LEU A 320 0.73 -27.51 -15.21
N PHE A 321 0.14 -27.07 -14.09
CA PHE A 321 -1.21 -27.44 -13.66
C PHE A 321 -2.15 -26.25 -13.88
N ASP A 322 -3.40 -26.50 -14.30
CA ASP A 322 -4.37 -25.41 -14.50
C ASP A 322 -5.08 -25.06 -13.19
N TYR A 323 -6.03 -24.11 -13.25
CA TYR A 323 -6.80 -23.66 -12.08
C TYR A 323 -7.68 -24.76 -11.48
N LYS A 324 -7.97 -25.80 -12.29
CA LYS A 324 -8.76 -26.98 -11.88
C LYS A 324 -7.83 -28.17 -11.52
N ASP A 325 -6.56 -27.87 -11.16
CA ASP A 325 -5.47 -28.78 -10.74
C ASP A 325 -5.10 -29.84 -11.80
N GLN A 326 -5.42 -29.60 -13.08
CA GLN A 326 -5.14 -30.57 -14.15
C GLN A 326 -3.77 -30.34 -14.79
N LEU A 327 -2.99 -31.41 -15.01
CA LEU A 327 -1.69 -31.31 -15.68
C LEU A 327 -1.96 -31.07 -17.17
N LYS A 328 -1.55 -29.92 -17.65
CA LYS A 328 -1.89 -29.51 -18.98
C LYS A 328 -1.23 -30.42 -19.96
N THR A 329 -1.83 -30.55 -21.12
CA THR A 329 -1.23 -31.14 -22.28
C THR A 329 -1.82 -30.43 -23.43
N GLY A 330 -1.17 -30.54 -24.56
CA GLY A 330 -1.65 -29.90 -25.73
C GLY A 330 -0.67 -28.84 -26.10
N GLU A 331 -0.90 -28.27 -27.24
CA GLU A 331 -0.06 -27.25 -27.75
C GLU A 331 -0.35 -26.00 -26.97
N ARG A 332 0.62 -25.11 -26.94
CA ARG A 332 0.50 -23.80 -26.31
C ARG A 332 1.34 -22.78 -27.05
N CYS A 333 0.73 -21.64 -27.38
CA CYS A 333 1.42 -20.52 -28.00
C CYS A 333 1.74 -19.54 -26.88
N LEU A 334 2.97 -19.02 -26.81
CA LEU A 334 3.36 -18.15 -25.70
C LEU A 334 3.81 -16.77 -26.12
N TYR A 335 2.90 -15.81 -25.98
CA TYR A 335 3.15 -14.40 -26.27
C TYR A 335 4.05 -13.86 -25.15
N MET A 336 5.35 -13.83 -25.45
CA MET A 336 6.44 -13.46 -24.56
C MET A 336 6.47 -11.98 -24.25
N TRP A 337 7.15 -11.63 -23.16
CA TRP A 337 7.31 -10.26 -22.67
C TRP A 337 8.73 -9.74 -22.96
N PRO A 338 8.92 -8.45 -23.35
CA PRO A 338 10.29 -7.95 -23.62
C PRO A 338 11.19 -7.91 -22.39
N SER A 339 12.45 -8.37 -22.55
CA SER A 339 13.43 -8.44 -21.46
C SER A 339 14.18 -7.13 -21.23
N VAL A 340 14.87 -7.03 -20.08
CA VAL A 340 15.66 -5.88 -19.64
C VAL A 340 16.91 -5.68 -20.51
N LEU A 347 18.93 -14.03 -16.05
CA LEU A 347 18.28 -13.86 -17.35
C LEU A 347 16.87 -14.45 -17.38
N LEU A 348 16.66 -15.55 -16.63
CA LEU A 348 15.38 -16.23 -16.49
C LEU A 348 14.59 -15.50 -15.40
N ASN A 349 13.28 -15.20 -15.65
CA ASN A 349 12.44 -14.44 -14.72
C ASN A 349 11.29 -15.26 -14.12
N PRO A 350 11.55 -16.05 -13.02
CA PRO A 350 10.48 -16.87 -12.43
C PRO A 350 9.38 -16.10 -11.71
N ALA A 351 9.70 -14.89 -11.23
CA ALA A 351 8.78 -14.00 -10.52
C ALA A 351 7.72 -13.37 -11.45
N GLY A 352 8.03 -13.34 -12.75
CA GLY A 352 7.17 -12.80 -13.80
C GLY A 352 5.84 -13.51 -13.91
N THR A 353 4.85 -12.80 -14.48
CA THR A 353 3.47 -13.27 -14.71
C THR A 353 3.43 -14.59 -15.53
N VAL A 354 2.54 -15.52 -15.15
CA VAL A 354 2.33 -16.80 -15.83
C VAL A 354 1.16 -16.71 -16.85
N ARG A 355 1.00 -15.51 -17.44
CA ARG A 355 -0.03 -15.23 -18.45
C ARG A 355 0.62 -14.46 -19.60
N GLY A 356 0.30 -14.88 -20.81
CA GLY A 356 0.82 -14.29 -22.05
C GLY A 356 0.59 -12.81 -22.22
N ASN A 357 1.42 -12.19 -23.06
CA ASN A 357 1.36 -10.79 -23.40
C ASN A 357 0.04 -10.53 -24.17
N PRO A 358 -0.82 -9.56 -23.72
CA PRO A 358 -2.08 -9.31 -24.46
C PRO A 358 -1.89 -8.61 -25.83
N ASN A 359 -0.68 -8.08 -26.08
CA ASN A 359 -0.30 -7.46 -27.36
C ASN A 359 0.11 -8.60 -28.30
N THR A 360 -0.83 -9.52 -28.59
CA THR A 360 -0.64 -10.71 -29.44
C THR A 360 -0.24 -10.38 -30.89
N GLU A 361 -0.25 -9.08 -31.24
CA GLU A 361 0.08 -8.53 -32.54
C GLU A 361 1.58 -8.26 -32.71
N SER A 362 2.18 -7.49 -31.79
CA SER A 362 3.59 -7.08 -31.80
C SER A 362 4.51 -7.92 -30.90
N ALA A 363 3.95 -8.83 -30.10
CA ALA A 363 4.74 -9.67 -29.20
C ALA A 363 5.24 -10.97 -29.82
N ALA A 364 6.49 -11.34 -29.47
CA ALA A 364 7.14 -12.58 -29.91
C ALA A 364 6.38 -13.76 -29.31
N ALA A 365 6.15 -14.81 -30.09
CA ALA A 365 5.42 -15.99 -29.60
C ALA A 365 6.24 -17.26 -29.63
N LEU A 366 6.12 -18.08 -28.58
CA LEU A 366 6.82 -19.35 -28.48
C LEU A 366 5.83 -20.50 -28.60
N VAL A 367 5.93 -21.28 -29.69
CA VAL A 367 5.04 -22.42 -29.85
C VAL A 367 5.71 -23.62 -29.17
N ILE A 368 5.00 -24.21 -28.21
CA ILE A 368 5.47 -25.36 -27.42
C ILE A 368 4.39 -26.44 -27.31
N TYR A 369 4.79 -27.69 -27.06
CA TYR A 369 3.85 -28.80 -26.91
C TYR A 369 4.02 -29.49 -25.56
N LEU A 370 2.90 -29.73 -24.86
CA LEU A 370 2.88 -30.46 -23.58
C LEU A 370 2.51 -31.90 -23.93
N PRO A 371 3.47 -32.86 -23.90
CA PRO A 371 3.13 -34.24 -24.28
C PRO A 371 2.11 -34.89 -23.36
N GLU A 372 1.26 -35.75 -23.93
CA GLU A 372 0.24 -36.49 -23.20
C GLU A 372 0.85 -37.64 -22.42
N VAL A 373 0.23 -37.99 -21.28
CA VAL A 373 0.67 -39.08 -20.39
C VAL A 373 -0.51 -39.98 -19.99
N ALA A 374 -1.57 -40.00 -20.83
CA ALA A 374 -2.79 -40.79 -20.61
C ALA A 374 -2.65 -42.21 -21.15
N PRO A 377 -6.31 -37.63 -18.27
CA PRO A 377 -7.02 -37.05 -17.11
C PRO A 377 -6.22 -37.19 -15.82
N VAL A 378 -5.13 -36.39 -15.70
CA VAL A 378 -4.22 -36.40 -14.54
C VAL A 378 -4.37 -35.13 -13.70
N TYR A 379 -5.05 -35.28 -12.55
CA TYR A 379 -5.31 -34.21 -11.59
C TYR A 379 -4.37 -34.35 -10.38
N PHE A 380 -3.92 -33.21 -9.81
CA PHE A 380 -3.06 -33.22 -8.63
C PHE A 380 -3.82 -33.81 -7.44
N PRO A 381 -3.21 -34.78 -6.71
CA PRO A 381 -3.93 -35.44 -5.61
C PRO A 381 -4.55 -34.53 -4.56
N ALA A 382 -5.76 -34.90 -4.11
CA ALA A 382 -6.55 -34.18 -3.11
C ALA A 382 -5.86 -34.21 -1.75
N LEU A 383 -6.17 -33.22 -0.87
CA LEU A 383 -5.57 -33.12 0.47
C LEU A 383 -5.68 -34.42 1.27
N GLU A 384 -6.85 -35.11 1.20
CA GLU A 384 -7.10 -36.40 1.87
C GLU A 384 -6.05 -37.48 1.49
N LYS A 385 -5.48 -37.38 0.26
CA LYS A 385 -4.44 -38.29 -0.26
C LYS A 385 -3.04 -37.84 0.16
N ILE A 386 -2.78 -36.51 0.17
CA ILE A 386 -1.49 -35.89 0.56
C ILE A 386 -1.21 -36.19 2.04
N LEU A 387 -2.27 -36.13 2.87
CA LEU A 387 -2.20 -36.42 4.30
C LEU A 387 -2.03 -37.91 4.56
N GLU A 388 -2.58 -38.76 3.65
CA GLU A 388 -2.50 -40.23 3.72
C GLU A 388 -1.05 -40.71 3.57
N LEU A 389 -0.29 -40.11 2.64
CA LEU A 389 1.13 -40.39 2.40
C LEU A 389 2.00 -39.68 3.45
N GLY A 390 1.66 -38.41 3.72
CA GLY A 390 2.35 -37.54 4.68
C GLY A 390 2.31 -38.00 6.13
N ARG A 391 1.24 -38.76 6.52
CA ARG A 391 1.02 -39.33 7.85
C ARG A 391 2.22 -40.20 8.25
N THR A 399 21.72 -35.14 20.39
CA THR A 399 21.48 -33.71 20.61
C THR A 399 22.69 -32.87 20.07
N GLU A 400 22.68 -32.33 18.80
CA GLU A 400 21.67 -32.28 17.73
C GLU A 400 20.55 -31.30 18.03
N GLU A 401 19.82 -31.53 19.14
CA GLU A 401 18.74 -30.67 19.62
C GLU A 401 19.30 -29.29 20.02
N GLU A 402 20.56 -29.28 20.47
CA GLU A 402 21.28 -28.07 20.87
C GLU A 402 21.75 -27.26 19.66
N LEU A 406 22.38 -27.92 18.66
CA LEU A 406 22.88 -27.24 17.45
C LEU A 406 21.75 -26.81 16.49
N ARG A 407 20.54 -27.36 16.69
CA ARG A 407 19.32 -27.04 15.96
C ARG A 407 18.78 -25.68 16.40
N GLU A 408 19.03 -25.33 17.69
CA GLU A 408 18.66 -24.05 18.30
C GLU A 408 19.67 -22.97 17.93
N ILE A 409 20.97 -23.34 17.87
CA ILE A 409 22.06 -22.40 17.56
C ILE A 409 22.01 -21.90 16.10
N LEU A 410 21.54 -22.74 15.15
CA LEU A 410 21.43 -22.32 13.74
C LEU A 410 20.15 -21.51 13.51
N GLU A 411 19.18 -21.63 14.43
CA GLU A 411 17.90 -20.92 14.38
C GLU A 411 18.06 -19.42 14.64
N ARG A 412 19.10 -19.02 15.40
CA ARG A 412 19.38 -17.61 15.69
C ARG A 412 20.89 -17.29 15.65
N GLU A 417 20.46 -18.57 4.36
CA GLU A 417 21.92 -18.60 4.24
C GLU A 417 22.48 -19.66 5.20
N LEU A 418 22.48 -20.94 4.77
CA LEU A 418 22.96 -22.07 5.57
C LEU A 418 23.45 -23.25 4.70
N TYR A 419 24.38 -24.06 5.25
CA TYR A 419 24.98 -25.20 4.56
C TYR A 419 24.00 -26.38 4.41
N GLU A 420 24.37 -27.35 3.54
CA GLU A 420 23.55 -28.52 3.24
C GLU A 420 23.36 -29.43 4.46
N HIS A 421 24.39 -29.62 5.32
CA HIS A 421 24.29 -30.46 6.52
C HIS A 421 23.36 -29.85 7.57
N GLU A 422 23.26 -28.51 7.57
CA GLU A 422 22.39 -27.74 8.46
C GLU A 422 20.93 -27.94 8.03
N LYS A 423 20.67 -27.94 6.68
CA LYS A 423 19.34 -28.14 6.07
C LYS A 423 18.79 -29.55 6.38
N ASP A 424 19.65 -30.58 6.21
CA ASP A 424 19.32 -32.00 6.47
C ASP A 424 18.95 -32.20 7.94
N LEU A 425 19.64 -31.47 8.84
CA LEU A 425 19.42 -31.49 10.28
C LEU A 425 18.02 -30.96 10.57
N VAL A 426 17.64 -29.80 9.96
CA VAL A 426 16.33 -29.17 10.11
C VAL A 426 15.22 -30.09 9.59
N TRP A 427 15.45 -30.79 8.46
CA TRP A 427 14.47 -31.73 7.92
C TRP A 427 14.25 -32.95 8.83
N LYS A 428 15.35 -33.48 9.41
CA LYS A 428 15.34 -34.62 10.36
C LYS A 428 14.53 -34.24 11.61
N MET A 429 14.76 -33.01 12.09
CA MET A 429 14.16 -32.45 13.30
C MET A 429 12.81 -31.72 13.05
N ARG A 430 12.22 -31.83 11.84
CA ARG A 430 10.97 -31.17 11.43
C ARG A 430 9.80 -31.25 12.44
N HIS A 431 9.67 -32.38 13.18
CA HIS A 431 8.63 -32.59 14.19
C HIS A 431 8.89 -31.74 15.43
N GLU A 432 10.18 -31.56 15.80
CA GLU A 432 10.67 -30.77 16.95
C GLU A 432 10.51 -29.27 16.68
N VAL A 433 10.48 -28.92 15.38
CA VAL A 433 10.28 -27.56 14.88
C VAL A 433 8.81 -27.21 15.11
N GLN A 434 7.87 -28.09 14.74
CA GLN A 434 6.43 -27.87 14.96
C GLN A 434 6.09 -27.75 16.44
N GLU A 435 6.69 -28.60 17.28
CA GLU A 435 6.44 -28.70 18.71
C GLU A 435 7.08 -27.59 19.56
N HIS A 436 8.38 -27.28 19.36
CA HIS A 436 9.08 -26.29 20.19
C HIS A 436 9.44 -24.97 19.50
N PHE A 437 9.42 -24.92 18.15
CA PHE A 437 9.74 -23.70 17.39
C PHE A 437 8.73 -23.46 16.24
N PRO A 438 7.41 -23.27 16.53
CA PRO A 438 6.44 -23.07 15.43
C PRO A 438 6.73 -21.88 14.51
N GLU A 439 7.33 -20.82 15.07
CA GLU A 439 7.70 -19.58 14.38
C GLU A 439 8.91 -19.73 13.42
N ALA A 440 9.61 -20.88 13.46
CA ALA A 440 10.76 -21.21 12.59
C ALA A 440 10.31 -21.89 11.26
N LEU A 441 8.99 -22.12 11.09
CA LEU A 441 8.33 -22.74 9.94
C LEU A 441 8.89 -22.30 8.58
N ALA A 442 9.09 -21.00 8.41
CA ALA A 442 9.63 -20.40 7.20
C ALA A 442 10.98 -20.99 6.86
N ARG A 443 11.85 -21.20 7.87
CA ARG A 443 13.17 -21.80 7.65
C ARG A 443 13.05 -23.29 7.28
N LEU A 444 12.02 -23.98 7.80
CA LEU A 444 11.75 -25.38 7.49
C LEU A 444 11.19 -25.52 6.08
N LEU A 445 10.31 -24.58 5.65
CA LEU A 445 9.70 -24.57 4.33
C LEU A 445 10.72 -24.39 3.20
N LEU A 446 11.90 -23.82 3.51
CA LEU A 446 12.98 -23.58 2.54
C LEU A 446 13.99 -24.75 2.46
N VAL A 447 13.91 -25.71 3.38
CA VAL A 447 14.79 -26.87 3.38
C VAL A 447 14.10 -28.08 2.72
N THR A 448 12.75 -28.11 2.70
CA THR A 448 11.95 -29.19 2.11
C THR A 448 12.20 -29.28 0.61
N LYS A 449 12.45 -30.51 0.12
CA LYS A 449 12.71 -30.77 -1.29
C LYS A 449 11.37 -30.78 -2.03
N TRP A 450 11.03 -29.65 -2.69
CA TRP A 450 9.76 -29.51 -3.41
C TRP A 450 9.72 -30.33 -4.71
N ASN A 451 10.89 -30.84 -5.12
CA ASN A 451 11.07 -31.72 -6.28
C ASN A 451 10.84 -33.21 -5.92
N LYS A 452 10.28 -33.48 -4.72
CA LYS A 452 9.99 -34.84 -4.21
C LYS A 452 8.64 -34.81 -3.54
N HIS A 453 7.63 -35.42 -4.20
CA HIS A 453 6.24 -35.47 -3.70
C HIS A 453 6.12 -36.03 -2.28
N GLU A 454 6.95 -37.02 -1.91
CA GLU A 454 7.00 -37.62 -0.58
C GLU A 454 7.41 -36.59 0.47
N ASP A 455 8.46 -35.77 0.19
CA ASP A 455 8.95 -34.70 1.07
C ASP A 455 7.90 -33.58 1.23
N VAL A 456 7.18 -33.24 0.13
CA VAL A 456 6.12 -32.22 0.10
C VAL A 456 4.97 -32.66 1.02
N ALA A 457 4.53 -33.93 0.87
CA ALA A 457 3.46 -34.56 1.64
C ALA A 457 3.79 -34.59 3.12
N GLN A 458 5.02 -34.96 3.47
CA GLN A 458 5.52 -35.02 4.86
C GLN A 458 5.49 -33.63 5.51
N MET A 459 5.72 -32.56 4.71
CA MET A 459 5.69 -31.17 5.14
C MET A 459 4.25 -30.66 5.26
N LEU A 460 3.42 -30.93 4.25
CA LEU A 460 2.01 -30.55 4.22
C LEU A 460 1.25 -31.20 5.36
N TYR A 461 1.66 -32.42 5.77
CA TYR A 461 1.03 -33.11 6.90
C TYR A 461 1.33 -32.33 8.19
N LEU A 462 2.59 -31.85 8.37
CA LEU A 462 2.97 -31.03 9.52
C LEU A 462 2.19 -29.71 9.49
N LEU A 463 2.09 -29.09 8.30
CA LEU A 463 1.39 -27.82 8.10
C LEU A 463 -0.09 -27.90 8.43
N CYS A 464 -0.72 -29.05 8.13
CA CYS A 464 -2.15 -29.25 8.36
C CYS A 464 -2.50 -29.53 9.84
N SER A 465 -1.51 -29.35 10.74
CA SER A 465 -1.65 -29.48 12.19
C SER A 465 -0.85 -28.35 12.90
N TRP A 466 -0.15 -27.51 12.09
CA TRP A 466 0.68 -26.40 12.56
C TRP A 466 -0.12 -25.30 13.26
N PRO A 467 0.32 -24.82 14.45
CA PRO A 467 -0.45 -23.74 15.11
C PRO A 467 -0.28 -22.40 14.39
N GLU A 468 -1.29 -21.51 14.55
CA GLU A 468 -1.31 -20.16 13.97
C GLU A 468 -0.04 -19.38 14.30
N LEU A 469 0.50 -18.68 13.31
CA LEU A 469 1.71 -17.87 13.47
C LEU A 469 1.37 -16.39 13.73
N PRO A 470 2.24 -15.62 14.42
CA PRO A 470 1.92 -14.19 14.60
C PRO A 470 1.93 -13.49 13.24
N VAL A 471 1.18 -12.37 13.12
CA VAL A 471 1.04 -11.53 11.93
C VAL A 471 2.39 -11.29 11.23
N LEU A 472 3.44 -11.01 12.01
CA LEU A 472 4.79 -10.75 11.53
C LEU A 472 5.39 -11.90 10.72
N SER A 473 5.29 -13.13 11.23
CA SER A 473 5.81 -14.33 10.57
C SER A 473 4.96 -14.71 9.35
N ALA A 474 3.64 -14.39 9.40
CA ALA A 474 2.66 -14.65 8.34
C ALA A 474 2.91 -13.79 7.12
N LEU A 475 3.45 -12.55 7.33
CA LEU A 475 3.77 -11.60 6.26
C LEU A 475 5.00 -12.05 5.47
N GLU A 476 5.86 -12.84 6.10
CA GLU A 476 7.05 -13.44 5.50
C GLU A 476 6.62 -14.57 4.55
N LEU A 477 5.58 -15.34 4.94
CA LEU A 477 5.05 -16.48 4.20
C LEU A 477 4.28 -16.11 2.92
N LEU A 478 4.08 -14.81 2.68
CA LEU A 478 3.37 -14.30 1.49
C LEU A 478 4.31 -14.03 0.33
N ASP A 479 5.62 -13.95 0.60
CA ASP A 479 6.63 -13.66 -0.40
C ASP A 479 6.75 -14.79 -1.44
N PHE A 480 7.33 -14.48 -2.61
CA PHE A 480 7.50 -15.43 -3.71
C PHE A 480 8.30 -16.67 -3.33
N SER A 481 9.14 -16.58 -2.27
CA SER A 481 9.95 -17.66 -1.70
C SER A 481 9.10 -18.79 -1.13
N PHE A 482 7.80 -18.51 -0.83
CA PHE A 482 6.84 -19.47 -0.28
C PHE A 482 5.66 -19.55 -1.25
N PRO A 483 5.80 -20.38 -2.33
CA PRO A 483 4.78 -20.40 -3.38
C PRO A 483 3.64 -21.39 -3.24
N ASP A 484 3.81 -22.45 -2.43
CA ASP A 484 2.79 -23.48 -2.24
C ASP A 484 1.43 -22.92 -1.82
N CYS A 485 0.39 -23.45 -2.44
CA CYS A 485 -1.03 -23.11 -2.25
C CYS A 485 -1.50 -23.38 -0.83
N TYR A 486 -1.03 -24.48 -0.22
CA TYR A 486 -1.41 -24.81 1.16
C TYR A 486 -0.70 -23.88 2.14
N VAL A 487 0.55 -23.53 1.82
CA VAL A 487 1.40 -22.57 2.56
C VAL A 487 0.74 -21.17 2.51
N GLY A 488 0.31 -20.77 1.30
CA GLY A 488 -0.37 -19.52 1.04
C GLY A 488 -1.68 -19.40 1.79
N SER A 489 -2.47 -20.50 1.81
CA SER A 489 -3.75 -20.58 2.53
C SER A 489 -3.57 -20.49 4.06
N PHE A 490 -2.41 -20.95 4.58
CA PHE A 490 -2.08 -20.93 6.00
C PHE A 490 -1.72 -19.50 6.46
N ALA A 491 -1.03 -18.75 5.58
CA ALA A 491 -0.64 -17.37 5.85
C ALA A 491 -1.91 -16.49 5.98
N ILE A 492 -2.89 -16.66 5.05
CA ILE A 492 -4.16 -15.91 5.07
C ILE A 492 -4.92 -16.20 6.37
N LYS A 493 -4.97 -17.48 6.77
CA LYS A 493 -5.58 -18.02 7.99
C LYS A 493 -4.98 -17.35 9.26
N SER A 494 -3.70 -16.92 9.19
CA SER A 494 -3.00 -16.24 10.28
C SER A 494 -3.21 -14.70 10.22
N LEU A 495 -3.58 -14.18 9.03
CA LEU A 495 -3.83 -12.75 8.80
C LEU A 495 -5.29 -12.38 9.05
N ARG A 496 -6.17 -13.37 9.28
CA ARG A 496 -7.59 -13.10 9.55
C ARG A 496 -7.76 -12.38 10.89
N LYS A 497 -6.86 -12.65 11.87
CA LYS A 497 -6.86 -12.04 13.19
C LYS A 497 -6.50 -10.55 13.16
N LEU A 498 -5.82 -10.09 12.05
CA LEU A 498 -5.43 -8.69 11.79
C LEU A 498 -6.59 -7.72 12.07
N THR A 499 -6.25 -6.55 12.63
CA THR A 499 -7.27 -5.52 12.89
C THR A 499 -7.46 -4.79 11.57
N ASP A 500 -8.61 -4.14 11.38
CA ASP A 500 -8.85 -3.36 10.15
C ASP A 500 -7.81 -2.23 10.06
N ASP A 501 -7.25 -1.82 11.23
CA ASP A 501 -6.21 -0.79 11.33
C ASP A 501 -4.88 -1.32 10.85
N GLU A 502 -4.53 -2.56 11.24
CA GLU A 502 -3.29 -3.22 10.87
C GLU A 502 -3.29 -3.60 9.41
N LEU A 503 -4.45 -4.09 8.93
CA LEU A 503 -4.64 -4.47 7.53
C LEU A 503 -4.46 -3.23 6.64
N PHE A 504 -5.06 -2.07 7.04
CA PHE A 504 -4.94 -0.81 6.31
C PHE A 504 -3.49 -0.37 6.12
N GLN A 505 -2.68 -0.56 7.17
CA GLN A 505 -1.25 -0.25 7.21
C GLN A 505 -0.43 -1.07 6.18
N TYR A 506 -0.78 -2.38 5.98
CA TYR A 506 -0.04 -3.28 5.06
C TYR A 506 -0.78 -3.61 3.73
N LEU A 507 -1.97 -3.01 3.50
CA LEU A 507 -2.79 -3.20 2.29
C LEU A 507 -2.02 -2.99 0.97
N LEU A 508 -1.15 -1.97 0.91
CA LEU A 508 -0.30 -1.69 -0.26
C LEU A 508 0.58 -2.90 -0.62
N GLN A 509 1.15 -3.57 0.40
CA GLN A 509 1.99 -4.75 0.22
C GLN A 509 1.17 -5.96 -0.18
N LEU A 510 -0.04 -6.11 0.40
CA LEU A 510 -0.94 -7.23 0.13
C LEU A 510 -1.50 -7.20 -1.29
N VAL A 511 -1.68 -5.98 -1.83
CA VAL A 511 -2.16 -5.78 -3.20
C VAL A 511 -1.02 -6.15 -4.15
N GLN A 512 0.23 -5.76 -3.84
CA GLN A 512 1.38 -6.09 -4.67
C GLN A 512 1.54 -7.59 -4.82
N VAL A 513 1.33 -8.36 -3.73
CA VAL A 513 1.43 -9.83 -3.64
C VAL A 513 0.47 -10.50 -4.64
N LEU A 514 -0.50 -9.74 -5.16
CA LEU A 514 -1.44 -10.25 -6.15
C LEU A 514 -0.74 -10.53 -7.47
N LYS A 515 0.38 -9.86 -7.72
CA LYS A 515 1.19 -10.03 -8.92
C LYS A 515 1.90 -11.40 -8.94
N TYR A 516 2.32 -11.89 -7.75
CA TYR A 516 2.94 -13.18 -7.55
C TYR A 516 1.96 -14.34 -7.73
N GLU A 517 0.67 -14.13 -7.45
CA GLU A 517 -0.37 -15.16 -7.59
C GLU A 517 -0.33 -15.84 -8.96
N SER A 518 -0.62 -17.14 -8.97
CA SER A 518 -0.54 -17.98 -10.16
C SER A 518 -1.84 -18.07 -10.93
N TYR A 519 -2.97 -18.05 -10.22
CA TYR A 519 -4.32 -18.14 -10.76
C TYR A 519 -5.17 -16.97 -10.27
N LEU A 520 -6.23 -16.65 -11.02
CA LEU A 520 -7.15 -15.57 -10.70
C LEU A 520 -7.85 -15.80 -9.36
N ASP A 521 -8.40 -17.00 -9.17
CA ASP A 521 -9.09 -17.39 -7.95
C ASP A 521 -8.08 -17.84 -6.88
N CYS A 522 -7.92 -16.99 -5.85
CA CYS A 522 -6.99 -17.24 -4.76
C CYS A 522 -7.55 -16.81 -3.42
N GLU A 523 -6.95 -17.34 -2.34
CA GLU A 523 -7.33 -17.00 -0.97
C GLU A 523 -7.07 -15.53 -0.69
N LEU A 524 -5.95 -14.96 -1.22
CA LEU A 524 -5.59 -13.56 -1.03
C LEU A 524 -6.67 -12.60 -1.56
N THR A 525 -7.16 -12.82 -2.81
CA THR A 525 -8.25 -12.03 -3.41
C THR A 525 -9.53 -12.17 -2.57
N LYS A 526 -9.95 -13.41 -2.24
CA LYS A 526 -11.15 -13.70 -1.45
C LYS A 526 -11.10 -12.98 -0.10
N PHE A 527 -9.90 -12.93 0.52
CA PHE A 527 -9.65 -12.25 1.78
C PHE A 527 -9.70 -10.73 1.59
N LEU A 528 -8.95 -10.20 0.62
CA LEU A 528 -8.92 -8.77 0.32
C LEU A 528 -10.30 -8.21 -0.01
N LEU A 529 -11.10 -8.98 -0.78
CA LEU A 529 -12.47 -8.64 -1.19
C LEU A 529 -13.43 -8.71 0.00
N GLY A 530 -13.26 -9.74 0.82
CA GLY A 530 -14.05 -9.96 2.03
C GLY A 530 -13.90 -8.83 3.03
N ARG A 531 -12.67 -8.30 3.14
CA ARG A 531 -12.28 -7.21 4.02
C ARG A 531 -12.66 -5.82 3.45
N ALA A 532 -12.67 -5.71 2.12
CA ALA A 532 -13.06 -4.51 1.39
C ALA A 532 -14.53 -4.21 1.63
N LEU A 533 -15.36 -5.25 1.55
CA LEU A 533 -16.81 -5.16 1.67
C LEU A 533 -17.29 -5.09 3.12
N ALA A 534 -16.42 -5.50 4.08
CA ALA A 534 -16.72 -5.44 5.51
C ALA A 534 -16.32 -4.08 6.11
N ASN A 535 -15.47 -3.30 5.40
CA ASN A 535 -15.00 -1.98 5.80
C ASN A 535 -14.82 -1.11 4.56
N ARG A 536 -15.69 -0.09 4.41
CA ARG A 536 -15.77 0.87 3.28
C ARG A 536 -14.47 1.67 3.02
N LYS A 537 -13.61 1.81 4.06
CA LYS A 537 -12.33 2.49 3.91
C LYS A 537 -11.31 1.54 3.26
N ILE A 538 -11.35 0.22 3.63
CA ILE A 538 -10.49 -0.83 3.03
C ILE A 538 -10.97 -1.00 1.58
N GLY A 539 -12.28 -0.97 1.38
CA GLY A 539 -12.89 -1.06 0.06
C GLY A 539 -12.46 0.04 -0.89
N HIS A 540 -12.36 1.29 -0.36
CA HIS A 540 -11.94 2.51 -1.06
C HIS A 540 -10.52 2.39 -1.53
N PHE A 541 -9.58 2.16 -0.60
CA PHE A 541 -8.15 2.08 -0.92
C PHE A 541 -7.80 0.84 -1.73
N LEU A 542 -8.50 -0.29 -1.56
CA LEU A 542 -8.24 -1.46 -2.37
C LEU A 542 -8.56 -1.12 -3.83
N PHE A 543 -9.71 -0.44 -4.08
CA PHE A 543 -10.10 -0.02 -5.41
C PHE A 543 -9.04 0.83 -6.08
N TRP A 544 -8.58 1.92 -5.42
CA TRP A 544 -7.58 2.84 -5.96
C TRP A 544 -6.25 2.17 -6.18
N HIS A 545 -5.86 1.23 -5.29
CA HIS A 545 -4.61 0.48 -5.47
C HIS A 545 -4.70 -0.35 -6.75
N LEU A 546 -5.88 -0.89 -7.06
CA LEU A 546 -6.08 -1.68 -8.26
C LEU A 546 -6.23 -0.79 -9.50
N ARG A 547 -7.13 0.22 -9.43
CA ARG A 547 -7.45 1.19 -10.49
C ARG A 547 -6.24 1.95 -11.01
N SER A 548 -5.32 2.31 -10.11
CA SER A 548 -4.10 3.04 -10.44
C SER A 548 -3.12 2.23 -11.28
N GLU A 549 -3.30 0.90 -11.34
CA GLU A 549 -2.38 0.05 -12.09
C GLU A 549 -2.98 -0.54 -13.38
N MET A 550 -4.20 -0.10 -13.74
CA MET A 550 -4.96 -0.56 -14.90
C MET A 550 -4.28 -0.37 -16.27
N HIS A 551 -3.35 0.57 -16.36
CA HIS A 551 -2.57 0.88 -17.56
C HIS A 551 -1.41 -0.13 -17.75
N VAL A 552 -1.16 -0.99 -16.72
CA VAL A 552 -0.10 -2.01 -16.72
C VAL A 552 -0.69 -3.32 -17.28
N PRO A 553 -0.36 -3.67 -18.56
CA PRO A 553 -0.96 -4.89 -19.19
C PRO A 553 -0.82 -6.20 -18.41
N SER A 554 0.31 -6.44 -17.70
CA SER A 554 0.51 -7.69 -16.95
C SER A 554 -0.49 -7.93 -15.82
N VAL A 555 -1.04 -6.85 -15.23
CA VAL A 555 -2.01 -6.97 -14.12
C VAL A 555 -3.44 -6.45 -14.44
N ALA A 556 -3.68 -5.88 -15.64
CA ALA A 556 -4.98 -5.27 -16.00
C ALA A 556 -6.18 -6.21 -15.89
N LEU A 557 -6.03 -7.47 -16.35
CA LEU A 557 -7.10 -8.46 -16.29
C LEU A 557 -7.41 -8.81 -14.84
N ARG A 558 -6.40 -9.21 -14.04
CA ARG A 558 -6.58 -9.52 -12.62
C ARG A 558 -7.26 -8.37 -11.89
N PHE A 559 -6.65 -7.18 -11.94
CA PHE A 559 -7.09 -5.97 -11.25
C PHE A 559 -8.48 -5.52 -11.65
N GLY A 560 -8.80 -5.61 -12.94
CA GLY A 560 -10.12 -5.28 -13.48
C GLY A 560 -11.19 -6.23 -12.97
N LEU A 561 -10.89 -7.55 -12.98
CA LEU A 561 -11.75 -8.61 -12.48
C LEU A 561 -12.07 -8.44 -10.99
N ILE A 562 -11.07 -8.04 -10.17
CA ILE A 562 -11.25 -7.80 -8.72
C ILE A 562 -12.17 -6.58 -8.47
N MET A 563 -11.94 -5.48 -9.21
CA MET A 563 -12.77 -4.28 -9.06
C MET A 563 -14.22 -4.52 -9.47
N GLU A 564 -14.44 -5.34 -10.53
CA GLU A 564 -15.80 -5.68 -10.99
C GLU A 564 -16.50 -6.53 -9.92
N ALA A 565 -15.76 -7.49 -9.32
CA ALA A 565 -16.26 -8.35 -8.25
C ALA A 565 -16.65 -7.49 -7.07
N TYR A 566 -15.81 -6.47 -6.74
CA TYR A 566 -16.10 -5.51 -5.66
C TYR A 566 -17.41 -4.75 -5.90
N CYS A 567 -17.58 -4.19 -7.12
CA CYS A 567 -18.74 -3.39 -7.53
C CYS A 567 -20.06 -4.12 -7.40
N ARG A 568 -20.06 -5.46 -7.60
CA ARG A 568 -21.27 -6.30 -7.45
C ARG A 568 -21.68 -6.33 -5.97
N GLY A 569 -20.69 -6.27 -5.08
CA GLY A 569 -20.89 -6.24 -3.62
C GLY A 569 -21.20 -4.87 -3.05
N SER A 570 -21.17 -3.81 -3.91
CA SER A 570 -21.46 -2.43 -3.50
C SER A 570 -21.79 -1.51 -4.67
N THR A 571 -23.07 -1.48 -5.08
CA THR A 571 -23.62 -0.64 -6.16
C THR A 571 -23.52 0.86 -5.77
N HIS A 572 -23.80 1.19 -4.50
CA HIS A 572 -23.70 2.55 -4.00
C HIS A 572 -22.25 3.06 -4.03
N HIS A 573 -21.30 2.28 -3.46
CA HIS A 573 -19.89 2.68 -3.45
C HIS A 573 -19.34 2.82 -4.86
N MET A 574 -19.72 1.90 -5.78
CA MET A 574 -19.37 1.98 -7.20
C MET A 574 -19.70 3.39 -7.73
N LYS A 575 -20.93 3.88 -7.47
CA LYS A 575 -21.40 5.21 -7.86
C LYS A 575 -20.60 6.35 -7.23
N VAL A 576 -20.17 6.18 -5.94
CA VAL A 576 -19.36 7.13 -5.17
C VAL A 576 -17.98 7.25 -5.80
N LEU A 577 -17.34 6.11 -6.12
CA LEU A 577 -16.01 6.06 -6.75
C LEU A 577 -16.04 6.60 -8.17
N MET A 578 -17.22 6.48 -8.86
CA MET A 578 -17.44 6.98 -10.22
C MET A 578 -17.36 8.48 -10.21
N LYS A 579 -17.96 9.11 -9.20
CA LYS A 579 -17.91 10.57 -9.03
C LYS A 579 -16.43 11.02 -8.91
N GLN A 580 -15.64 10.34 -8.07
CA GLN A 580 -14.21 10.59 -7.88
C GLN A 580 -13.42 10.53 -9.19
N GLY A 581 -13.70 9.53 -10.02
CA GLY A 581 -13.09 9.34 -11.33
C GLY A 581 -13.43 10.43 -12.34
N GLU A 582 -14.63 11.04 -12.22
CA GLU A 582 -15.10 12.15 -13.08
C GLU A 582 -14.37 13.46 -12.71
N ALA A 583 -14.10 13.67 -11.41
CA ALA A 583 -13.38 14.82 -10.86
C ALA A 583 -11.93 14.77 -11.34
N LEU A 584 -11.30 13.58 -11.26
CA LEU A 584 -9.93 13.33 -11.69
C LEU A 584 -9.82 13.37 -13.21
N SER A 585 -10.91 13.02 -13.90
CA SER A 585 -10.97 13.09 -15.36
C SER A 585 -10.90 14.55 -15.82
N LYS A 586 -11.62 15.45 -15.12
CA LYS A 586 -11.64 16.90 -15.40
C LYS A 586 -10.32 17.56 -15.10
N LEU A 587 -9.67 17.16 -13.99
CA LEU A 587 -8.37 17.65 -13.53
C LEU A 587 -7.24 17.38 -14.53
N LYS A 588 -7.27 16.23 -15.20
CA LYS A 588 -6.26 15.87 -16.21
C LYS A 588 -6.38 16.80 -17.41
N ALA A 589 -7.63 17.02 -17.91
CA ALA A 589 -7.93 17.88 -19.04
C ALA A 589 -7.49 19.32 -18.73
N LEU A 590 -7.81 19.80 -17.51
CA LEU A 590 -7.43 21.12 -16.98
C LEU A 590 -5.90 21.23 -16.83
N ASN A 591 -5.22 20.11 -16.48
CA ASN A 591 -3.76 20.10 -16.34
C ASN A 591 -3.08 20.13 -17.67
N ASP A 592 -3.63 19.39 -18.65
CA ASP A 592 -3.14 19.36 -20.03
C ASP A 592 -3.23 20.77 -20.59
N PHE A 593 -4.35 21.47 -20.36
CA PHE A 593 -4.52 22.84 -20.79
C PHE A 593 -3.43 23.75 -20.19
N VAL A 594 -3.25 23.73 -18.84
CA VAL A 594 -2.26 24.49 -18.04
C VAL A 594 -0.85 24.28 -18.59
N LYS A 595 -0.47 23.00 -18.84
CA LYS A 595 0.84 22.65 -19.37
C LYS A 595 1.07 23.36 -20.68
N VAL A 596 0.10 23.25 -21.63
CA VAL A 596 0.17 23.90 -22.95
C VAL A 596 0.22 25.43 -22.80
N SER A 597 -0.73 26.01 -22.04
CA SER A 597 -0.86 27.44 -21.80
C SER A 597 0.36 28.10 -21.15
N SER A 598 1.03 27.42 -20.19
CA SER A 598 2.20 27.96 -19.49
C SER A 598 3.41 28.25 -20.41
N GLN A 599 3.42 27.63 -21.59
CA GLN A 599 4.45 27.80 -22.62
C GLN A 599 4.05 28.94 -23.54
N LYS A 600 2.75 29.09 -23.79
CA LYS A 600 2.17 30.09 -24.69
C LYS A 600 1.96 31.46 -24.07
N THR A 601 1.91 31.58 -22.72
CA THR A 601 1.67 32.87 -22.05
C THR A 601 2.21 32.91 -20.62
N THR A 602 2.09 34.09 -19.96
CA THR A 602 2.52 34.34 -18.58
C THR A 602 1.59 33.60 -17.59
N LYS A 603 2.08 33.35 -16.35
CA LYS A 603 1.31 32.67 -15.30
C LYS A 603 -0.01 33.40 -14.97
N PRO A 604 -0.06 34.74 -14.69
CA PRO A 604 -1.36 35.38 -14.39
C PRO A 604 -2.42 35.21 -15.49
N GLN A 605 -1.96 35.08 -16.74
CA GLN A 605 -2.84 34.85 -17.87
C GLN A 605 -3.29 33.39 -17.92
N THR A 606 -2.38 32.44 -17.62
CA THR A 606 -2.72 31.00 -17.56
C THR A 606 -3.67 30.71 -16.38
N LYS A 607 -3.47 31.39 -15.22
CA LYS A 607 -4.28 31.24 -14.02
C LYS A 607 -5.74 31.70 -14.24
N GLU A 608 -5.96 32.86 -14.90
CA GLU A 608 -7.33 33.30 -15.20
C GLU A 608 -8.05 32.35 -16.16
N MET A 609 -7.31 31.70 -17.07
CA MET A 609 -7.84 30.72 -18.02
C MET A 609 -8.28 29.44 -17.31
N MET A 610 -7.48 28.98 -16.31
CA MET A 610 -7.70 27.82 -15.47
C MET A 610 -8.98 28.08 -14.71
N HIS A 611 -9.04 29.27 -14.09
CA HIS A 611 -10.17 29.79 -13.33
C HIS A 611 -11.43 29.83 -14.20
N MET A 612 -11.31 30.31 -15.45
CA MET A 612 -12.41 30.39 -16.42
C MET A 612 -12.89 29.01 -16.84
N CYS A 613 -11.93 28.08 -17.05
CA CYS A 613 -12.21 26.69 -17.45
C CYS A 613 -12.92 25.93 -16.34
N MET A 614 -12.55 26.20 -15.08
CA MET A 614 -13.11 25.59 -13.87
C MET A 614 -14.57 25.99 -13.64
N ARG A 615 -14.93 27.23 -14.00
CA ARG A 615 -16.23 27.85 -13.81
C ARG A 615 -17.28 27.37 -14.83
N GLN A 616 -16.86 26.53 -15.79
CA GLN A 616 -17.75 25.90 -16.76
C GLN A 616 -18.67 24.94 -15.98
N GLU A 617 -19.92 24.77 -16.46
CA GLU A 617 -20.93 23.92 -15.81
C GLU A 617 -20.37 22.55 -15.46
N THR A 618 -19.88 21.80 -16.48
CA THR A 618 -19.29 20.46 -16.37
C THR A 618 -18.15 20.37 -15.38
N TYR A 619 -17.32 21.42 -15.29
CA TYR A 619 -16.20 21.45 -14.36
C TYR A 619 -16.68 21.68 -12.94
N MET A 620 -17.57 22.68 -12.73
CA MET A 620 -18.16 23.02 -11.42
C MET A 620 -18.89 21.83 -10.79
N GLU A 621 -19.59 21.06 -11.63
CA GLU A 621 -20.36 19.86 -11.28
C GLU A 621 -19.42 18.73 -10.92
N ALA A 622 -18.52 18.34 -11.85
CA ALA A 622 -17.57 17.23 -11.69
C ALA A 622 -16.56 17.44 -10.59
N LEU A 623 -16.06 18.67 -10.42
CA LEU A 623 -15.07 18.92 -9.38
C LEU A 623 -15.64 19.08 -7.99
N SER A 624 -16.97 19.15 -7.84
CA SER A 624 -17.59 19.39 -6.55
C SER A 624 -18.42 18.23 -6.01
N HIS A 625 -18.52 18.14 -4.67
CA HIS A 625 -19.34 17.25 -3.86
C HIS A 625 -18.95 15.81 -4.01
N LEU A 626 -17.71 15.50 -3.62
CA LEU A 626 -17.14 14.16 -3.70
C LEU A 626 -16.34 13.78 -2.46
N GLN A 627 -16.16 12.46 -2.23
CA GLN A 627 -15.29 11.95 -1.16
C GLN A 627 -13.84 12.12 -1.66
N SER A 628 -12.90 12.30 -0.76
CA SER A 628 -11.53 12.53 -1.21
C SER A 628 -10.86 11.22 -1.52
N PRO A 629 -10.32 10.99 -2.74
CA PRO A 629 -9.61 9.71 -2.99
C PRO A 629 -8.48 9.49 -1.99
N LEU A 630 -7.95 10.59 -1.40
CA LEU A 630 -6.90 10.54 -0.39
C LEU A 630 -7.39 10.01 0.94
N ASP A 631 -8.70 10.22 1.23
CA ASP A 631 -9.35 9.77 2.45
C ASP A 631 -10.87 9.87 2.30
N PRO A 632 -11.63 8.74 2.26
CA PRO A 632 -13.09 8.80 2.11
C PRO A 632 -13.87 9.57 3.18
N SER A 633 -13.29 9.78 4.37
CA SER A 633 -13.97 10.54 5.41
C SER A 633 -13.87 12.06 5.16
N THR A 634 -12.94 12.46 4.30
CA THR A 634 -12.78 13.86 3.90
C THR A 634 -13.72 14.12 2.72
N LEU A 635 -14.59 15.12 2.86
CA LEU A 635 -15.56 15.54 1.84
C LEU A 635 -15.05 16.81 1.16
N LEU A 636 -15.03 16.78 -0.18
CA LEU A 636 -14.60 17.86 -1.04
C LEU A 636 -15.89 18.42 -1.54
N GLU A 637 -16.40 19.48 -0.89
CA GLU A 637 -17.69 20.02 -1.25
C GLU A 637 -17.61 21.07 -2.36
N GLU A 638 -17.71 22.37 -2.03
CA GLU A 638 -17.68 23.41 -3.07
C GLU A 638 -16.25 23.78 -3.40
N VAL A 639 -15.91 23.74 -4.69
CA VAL A 639 -14.57 24.10 -5.13
C VAL A 639 -14.39 25.63 -5.06
N CYS A 640 -13.33 26.08 -4.36
CA CYS A 640 -13.02 27.50 -4.21
C CYS A 640 -12.08 27.91 -5.33
N VAL A 641 -12.67 28.17 -6.52
CA VAL A 641 -12.02 28.53 -7.78
C VAL A 641 -10.95 29.59 -7.61
N GLU A 642 -11.23 30.65 -6.81
CA GLU A 642 -10.29 31.74 -6.56
C GLU A 642 -9.02 31.32 -5.81
N GLN A 643 -9.14 30.32 -4.93
CA GLN A 643 -8.02 29.77 -4.16
C GLN A 643 -7.26 28.69 -4.92
N CYS A 644 -7.72 28.36 -6.15
CA CYS A 644 -7.08 27.37 -7.01
C CYS A 644 -5.99 28.01 -7.82
N THR A 645 -4.93 27.25 -8.12
CA THR A 645 -3.79 27.70 -8.95
C THR A 645 -2.97 26.49 -9.41
N PHE A 646 -1.83 26.75 -10.05
CA PHE A 646 -0.91 25.71 -10.48
C PHE A 646 0.47 26.06 -9.97
N MET A 647 1.39 25.10 -9.98
CA MET A 647 2.74 25.36 -9.48
C MET A 647 3.74 25.42 -10.63
N ASP A 648 4.86 26.11 -10.41
CA ASP A 648 5.83 26.38 -11.45
C ASP A 648 6.77 25.22 -11.81
N SER A 649 6.77 24.11 -11.02
CA SER A 649 7.62 22.95 -11.28
C SER A 649 7.31 22.26 -12.64
N LYS A 650 8.21 21.35 -13.09
CA LYS A 650 8.16 20.60 -14.35
C LYS A 650 6.78 20.16 -14.83
N MET A 651 6.05 19.43 -13.97
CA MET A 651 4.76 18.86 -14.34
C MET A 651 3.56 19.77 -14.02
N LYS A 652 3.84 21.06 -13.78
CA LYS A 652 2.88 22.13 -13.45
C LYS A 652 1.68 21.59 -12.61
N PRO A 653 1.93 21.04 -11.38
CA PRO A 653 0.80 20.47 -10.61
C PRO A 653 -0.27 21.47 -10.21
N LEU A 654 -1.50 20.95 -10.01
CA LEU A 654 -2.66 21.76 -9.64
C LEU A 654 -2.89 21.83 -8.17
N TRP A 655 -3.16 23.05 -7.70
CA TRP A 655 -3.49 23.42 -6.33
C TRP A 655 -5.00 23.62 -6.27
N ILE A 656 -5.77 22.58 -5.92
CA ILE A 656 -7.24 22.67 -5.88
C ILE A 656 -7.76 22.75 -4.44
N MET A 657 -8.43 23.87 -4.11
CA MET A 657 -8.98 24.16 -2.78
C MET A 657 -10.50 23.98 -2.71
N TYR A 658 -11.03 23.67 -1.51
CA TYR A 658 -12.46 23.42 -1.25
C TYR A 658 -12.97 24.13 0.01
N SER A 659 -14.28 24.40 0.04
CA SER A 659 -14.94 25.00 1.19
C SER A 659 -16.23 24.21 1.50
N SER A 660 -16.81 24.42 2.70
CA SER A 660 -18.04 23.81 3.18
C SER A 660 -18.56 24.64 4.34
N GLU A 661 -19.86 25.04 4.30
CA GLU A 661 -20.50 25.86 5.35
C GLU A 661 -20.64 25.06 6.67
N GLU A 662 -21.18 23.82 6.57
CA GLU A 662 -21.44 22.87 7.67
C GLU A 662 -20.19 22.60 8.52
N ALA A 663 -19.11 22.16 7.86
CA ALA A 663 -17.83 21.83 8.49
C ALA A 663 -17.12 23.02 9.13
N GLY A 664 -17.23 24.18 8.51
CA GLY A 664 -16.60 25.42 8.97
C GLY A 664 -15.19 25.53 8.45
N SER A 665 -14.22 24.99 9.22
CA SER A 665 -12.80 24.98 8.88
C SER A 665 -12.31 23.58 8.48
N ALA A 666 -13.04 22.51 8.92
CA ALA A 666 -12.73 21.11 8.61
C ALA A 666 -13.02 20.79 7.14
N GLY A 667 -13.89 21.59 6.53
CA GLY A 667 -14.27 21.48 5.13
C GLY A 667 -13.42 22.35 4.23
N ASN A 668 -12.56 23.19 4.83
CA ASN A 668 -11.64 24.05 4.10
C ASN A 668 -10.33 23.29 3.83
N VAL A 669 -10.45 22.20 3.07
CA VAL A 669 -9.37 21.30 2.69
C VAL A 669 -8.89 21.57 1.28
N GLY A 670 -7.70 21.11 0.97
CA GLY A 670 -7.11 21.24 -0.35
C GLY A 670 -6.51 19.93 -0.82
N ILE A 671 -6.41 19.78 -2.16
CA ILE A 671 -5.81 18.60 -2.80
C ILE A 671 -4.84 19.06 -3.88
N ILE A 672 -3.74 18.32 -4.08
CA ILE A 672 -2.75 18.60 -5.12
C ILE A 672 -2.88 17.46 -6.14
N PHE A 673 -3.07 17.81 -7.42
CA PHE A 673 -3.14 16.88 -8.54
C PHE A 673 -1.81 16.96 -9.31
N LYS A 674 -1.13 15.83 -9.43
CA LYS A 674 0.12 15.76 -10.17
C LYS A 674 -0.05 14.76 -11.28
N ASN A 675 0.35 15.14 -12.49
CA ASN A 675 0.30 14.29 -13.67
C ASN A 675 1.65 14.35 -14.39
N GLY A 676 2.29 13.20 -14.59
CA GLY A 676 3.57 13.10 -15.27
C GLY A 676 4.65 12.29 -14.58
N ASP A 677 4.68 12.33 -13.24
CA ASP A 677 5.64 11.59 -12.40
C ASP A 677 4.97 10.37 -11.78
N ASP A 678 5.78 9.40 -11.33
CA ASP A 678 5.28 8.19 -10.66
C ASP A 678 5.16 8.51 -9.17
N LEU A 679 3.92 8.44 -8.63
CA LEU A 679 3.63 8.76 -7.23
C LEU A 679 3.72 7.58 -6.27
N ARG A 680 3.95 6.37 -6.82
CA ARG A 680 4.03 5.11 -6.10
C ARG A 680 5.06 5.08 -4.96
N GLN A 681 6.27 5.55 -5.25
CA GLN A 681 7.38 5.59 -4.31
C GLN A 681 7.14 6.59 -3.20
N ASP A 682 6.67 7.79 -3.56
CA ASP A 682 6.36 8.87 -2.61
C ASP A 682 5.34 8.34 -1.61
N MET A 683 4.29 7.66 -2.09
CA MET A 683 3.27 7.04 -1.26
C MET A 683 3.89 5.99 -0.30
N LEU A 684 4.81 5.14 -0.82
CA LEU A 684 5.47 4.10 -0.04
C LEU A 684 6.35 4.70 1.06
N THR A 685 7.14 5.73 0.69
CA THR A 685 8.03 6.48 1.57
C THR A 685 7.20 7.11 2.68
N LEU A 686 6.10 7.75 2.31
CA LEU A 686 5.18 8.33 3.28
C LEU A 686 4.50 7.28 4.15
N GLN A 687 4.20 6.08 3.60
CA GLN A 687 3.57 4.98 4.35
C GLN A 687 4.54 4.38 5.35
N MET A 688 5.83 4.29 4.96
CA MET A 688 6.88 3.77 5.81
C MET A 688 7.14 4.74 6.98
N ILE A 689 7.05 6.08 6.73
CA ILE A 689 7.19 7.13 7.75
C ILE A 689 5.98 7.07 8.66
N GLN A 690 4.78 6.89 8.08
CA GLN A 690 3.50 6.75 8.82
C GLN A 690 3.57 5.54 9.79
N LEU A 691 4.24 4.44 9.35
CA LEU A 691 4.45 3.24 10.16
C LEU A 691 5.40 3.55 11.30
N MET A 692 6.51 4.26 11.02
CA MET A 692 7.48 4.71 12.02
C MET A 692 6.71 5.51 13.09
N ASP A 693 5.89 6.49 12.69
CA ASP A 693 5.08 7.28 13.64
C ASP A 693 4.28 6.36 14.58
N VAL A 694 3.52 5.41 14.00
CA VAL A 694 2.71 4.40 14.68
C VAL A 694 3.54 3.61 15.69
N LEU A 695 4.73 3.14 15.26
CA LEU A 695 5.65 2.36 16.08
C LEU A 695 6.22 3.14 17.26
N TRP A 696 6.48 4.45 17.05
CA TRP A 696 7.00 5.35 18.07
C TRP A 696 5.90 5.69 19.07
N LYS A 697 4.72 6.09 18.55
CA LYS A 697 3.53 6.44 19.34
C LYS A 697 3.14 5.29 20.27
N GLN A 698 3.30 4.02 19.81
CA GLN A 698 3.06 2.80 20.57
C GLN A 698 4.01 2.68 21.77
N GLU A 699 5.19 3.33 21.69
CA GLU A 699 6.21 3.33 22.74
C GLU A 699 6.18 4.65 23.56
N GLY A 700 5.05 5.36 23.46
CA GLY A 700 4.80 6.62 24.14
C GLY A 700 5.48 7.84 23.53
N LEU A 701 6.34 7.63 22.51
CA LEU A 701 7.09 8.67 21.82
C LEU A 701 6.30 9.31 20.66
N ASP A 702 5.93 10.60 20.81
CA ASP A 702 5.21 11.33 19.77
C ASP A 702 6.12 12.41 19.14
N LEU A 703 6.83 12.04 18.05
CA LEU A 703 7.75 12.94 17.35
C LEU A 703 7.03 13.92 16.39
N ARG A 704 5.75 14.22 16.69
CA ARG A 704 4.88 15.22 16.05
C ARG A 704 4.97 15.25 14.50
N MET A 705 4.86 14.05 13.89
CA MET A 705 4.95 13.80 12.44
C MET A 705 3.72 14.26 11.67
N THR A 706 3.85 14.44 10.35
CA THR A 706 2.78 14.92 9.47
C THR A 706 2.48 13.83 8.44
N PRO A 707 1.63 12.82 8.79
CA PRO A 707 1.37 11.73 7.83
C PRO A 707 0.33 12.09 6.77
N TYR A 708 0.70 13.03 5.88
CA TYR A 708 -0.19 13.48 4.82
C TYR A 708 -0.34 12.43 3.70
N GLY A 709 -1.51 12.42 3.10
CA GLY A 709 -1.87 11.50 2.03
C GLY A 709 -1.21 11.75 0.69
N CYS A 710 -0.90 10.66 0.01
CA CYS A 710 -0.36 10.61 -1.34
C CYS A 710 -0.90 9.35 -1.93
N LEU A 711 -1.55 9.47 -3.08
CA LEU A 711 -2.19 8.33 -3.68
C LEU A 711 -2.15 8.34 -5.20
N PRO A 712 -1.46 7.36 -5.81
CA PRO A 712 -1.49 7.23 -7.27
C PRO A 712 -2.92 6.84 -7.64
N THR A 713 -3.48 7.46 -8.69
CA THR A 713 -4.87 7.19 -9.09
C THR A 713 -4.93 6.59 -10.48
N GLY A 714 -3.90 6.84 -11.27
CA GLY A 714 -3.79 6.36 -12.65
C GLY A 714 -2.38 6.28 -13.17
N ASP A 715 -2.25 6.32 -14.51
CA ASP A 715 -0.99 6.26 -15.25
C ASP A 715 -0.21 7.56 -15.00
N ARG A 716 0.85 7.49 -14.18
CA ARG A 716 1.70 8.63 -13.80
C ARG A 716 0.85 9.79 -13.27
N THR A 717 -0.32 9.45 -12.69
CA THR A 717 -1.30 10.38 -12.15
C THR A 717 -1.58 10.06 -10.68
N GLY A 718 -1.79 11.10 -9.88
CA GLY A 718 -2.07 10.94 -8.48
C GLY A 718 -2.46 12.21 -7.75
N LEU A 719 -2.63 12.08 -6.44
CA LEU A 719 -3.05 13.15 -5.54
C LEU A 719 -2.15 13.24 -4.32
N ILE A 720 -1.99 14.46 -3.81
CA ILE A 720 -1.23 14.75 -2.60
C ILE A 720 -2.13 15.60 -1.71
N GLU A 721 -2.07 15.36 -0.40
CA GLU A 721 -2.89 16.08 0.55
C GLU A 721 -2.23 17.36 0.89
N VAL A 722 -3.00 18.45 0.82
CA VAL A 722 -2.51 19.76 1.18
C VAL A 722 -2.41 19.85 2.71
N VAL A 723 -1.20 20.15 3.21
CA VAL A 723 -0.97 20.41 4.62
C VAL A 723 -1.11 21.95 4.68
N LEU A 724 -2.22 22.41 5.27
CA LEU A 724 -2.56 23.82 5.41
C LEU A 724 -1.64 24.48 6.42
N HIS A 725 -1.43 25.81 6.26
CA HIS A 725 -0.62 26.68 7.12
C HIS A 725 0.82 26.20 7.20
N SER A 726 1.38 25.85 6.04
CA SER A 726 2.74 25.36 5.91
C SER A 726 3.44 26.02 4.72
N ASP A 727 4.76 26.09 4.75
CA ASP A 727 5.58 26.67 3.69
C ASP A 727 6.96 26.03 3.64
N THR A 728 7.65 26.21 2.50
CA THR A 728 9.00 25.68 2.28
C THR A 728 10.01 26.51 3.06
N ILE A 729 11.17 25.89 3.39
CA ILE A 729 12.27 26.55 4.11
C ILE A 729 12.75 27.78 3.28
N ALA A 730 12.94 27.59 1.95
CA ALA A 730 13.36 28.62 0.99
C ALA A 730 12.42 29.82 0.98
N ASN A 731 11.10 29.59 1.04
CA ASN A 731 10.10 30.66 1.06
C ASN A 731 10.10 31.45 2.36
N ILE A 732 10.29 30.76 3.51
CA ILE A 732 10.36 31.34 4.85
C ILE A 732 11.58 32.28 4.97
N GLN A 733 12.71 31.85 4.36
CA GLN A 733 14.00 32.54 4.35
C GLN A 733 14.02 33.88 3.55
N LEU A 734 12.84 34.32 3.05
CA LEU A 734 12.62 35.57 2.31
C LEU A 734 11.26 36.10 2.76
N ASN A 735 11.25 37.31 3.35
CA ASN A 735 10.03 37.92 3.85
C ASN A 735 9.20 38.64 2.76
N LYS A 736 8.06 39.24 3.19
CA LYS A 736 7.10 39.97 2.38
C LYS A 736 7.01 41.42 2.87
N THR A 742 11.83 40.57 10.39
CA THR A 742 12.88 40.93 9.44
C THR A 742 14.23 40.39 9.96
N ALA A 743 14.96 39.64 9.11
CA ALA A 743 16.22 39.03 9.49
C ALA A 743 17.46 39.69 8.88
N ALA A 744 18.50 39.86 9.73
CA ALA A 744 19.80 40.44 9.39
C ALA A 744 20.72 39.36 8.87
N PHE A 745 20.53 38.12 9.36
CA PHE A 745 21.27 36.92 8.99
C PHE A 745 20.30 35.79 8.70
N ASN A 746 20.61 34.97 7.67
CA ASN A 746 19.84 33.79 7.23
C ASN A 746 19.40 32.91 8.42
N LYS A 747 20.37 32.56 9.31
CA LYS A 747 20.18 31.73 10.52
C LYS A 747 18.95 32.17 11.38
N ASP A 748 18.62 33.47 11.38
CA ASP A 748 17.51 34.06 12.12
C ASP A 748 16.14 33.92 11.44
N ALA A 749 16.11 33.98 10.09
CA ALA A 749 14.89 33.97 9.26
C ALA A 749 13.83 32.92 9.66
N LEU A 750 14.24 31.64 9.81
CA LEU A 750 13.40 30.51 10.21
C LEU A 750 12.79 30.76 11.59
N LEU A 751 13.64 31.11 12.56
CA LEU A 751 13.25 31.40 13.95
C LEU A 751 12.36 32.63 14.06
N ASN A 752 12.55 33.61 13.17
CA ASN A 752 11.75 34.84 13.15
C ASN A 752 10.34 34.58 12.68
N TRP A 753 10.19 33.63 11.71
CA TRP A 753 8.92 33.19 11.12
C TRP A 753 8.12 32.49 12.21
N LEU A 754 8.76 31.59 12.99
CA LEU A 754 8.13 30.89 14.12
C LEU A 754 7.69 31.86 15.20
N LYS A 755 8.54 32.86 15.51
CA LYS A 755 8.31 33.93 16.49
C LYS A 755 7.05 34.74 16.18
N SER A 756 6.75 34.96 14.87
CA SER A 756 5.58 35.72 14.38
C SER A 756 4.27 34.90 14.39
N LYS A 757 4.38 33.58 14.18
CA LYS A 757 3.27 32.62 14.15
C LYS A 757 2.99 32.00 15.53
N ASN A 758 3.92 32.15 16.48
CA ASN A 758 3.79 31.65 17.85
C ASN A 758 4.29 32.70 18.88
N PRO A 759 3.55 33.82 19.09
CA PRO A 759 4.04 34.84 20.05
C PRO A 759 3.86 34.47 21.52
N GLY A 760 4.51 35.24 22.39
CA GLY A 760 4.46 35.11 23.85
C GLY A 760 4.91 33.77 24.40
N GLU A 761 3.98 33.03 25.00
CA GLU A 761 4.24 31.72 25.61
C GLU A 761 4.21 30.56 24.59
N ALA A 762 3.68 30.81 23.38
CA ALA A 762 3.54 29.83 22.30
C ALA A 762 4.85 29.42 21.62
N LEU A 763 5.87 30.32 21.60
CA LEU A 763 7.18 30.10 20.97
C LEU A 763 7.89 28.83 21.47
N ASP A 764 7.99 28.64 22.80
CA ASP A 764 8.63 27.46 23.41
C ASP A 764 7.95 26.16 22.92
N ARG A 765 6.65 26.22 22.59
CA ARG A 765 5.87 25.09 22.05
C ARG A 765 6.30 24.78 20.61
N ALA A 766 6.35 25.82 19.74
CA ALA A 766 6.77 25.72 18.36
C ALA A 766 8.18 25.12 18.21
N ILE A 767 9.11 25.45 19.14
CA ILE A 767 10.48 24.94 19.14
C ILE A 767 10.50 23.48 19.56
N GLU A 768 9.58 23.08 20.45
CA GLU A 768 9.43 21.68 20.88
C GLU A 768 8.97 20.88 19.65
N GLU A 769 7.90 21.38 18.96
CA GLU A 769 7.35 20.80 17.72
C GLU A 769 8.47 20.59 16.71
N PHE A 770 9.27 21.66 16.46
CA PHE A 770 10.41 21.63 15.54
C PHE A 770 11.45 20.58 15.93
N THR A 771 11.84 20.55 17.22
CA THR A 771 12.85 19.64 17.76
C THR A 771 12.47 18.18 17.56
N LEU A 772 11.22 17.80 17.93
CA LEU A 772 10.67 16.45 17.85
C LEU A 772 10.50 16.02 16.39
N SER A 773 9.76 16.83 15.59
CA SER A 773 9.53 16.55 14.17
C SER A 773 10.84 16.44 13.41
N CYS A 774 11.79 17.37 13.67
CA CYS A 774 13.10 17.35 13.04
C CYS A 774 13.82 16.03 13.28
N ALA A 775 13.84 15.57 14.56
CA ALA A 775 14.46 14.34 15.00
C ALA A 775 13.85 13.09 14.33
N GLY A 776 12.53 13.06 14.21
CA GLY A 776 11.80 11.98 13.56
C GLY A 776 12.11 11.91 12.08
N TYR A 777 12.15 13.07 11.41
CA TYR A 777 12.47 13.12 9.99
C TYR A 777 13.98 12.93 9.73
N CYS A 778 14.83 13.09 10.77
CA CYS A 778 16.26 12.85 10.64
C CYS A 778 16.50 11.34 10.63
N VAL A 779 15.77 10.61 11.50
CA VAL A 779 15.84 9.15 11.61
C VAL A 779 15.08 8.50 10.44
N ALA A 780 13.96 9.11 10.01
CA ALA A 780 13.17 8.62 8.88
C ALA A 780 13.98 8.65 7.59
N THR A 781 14.47 9.84 7.22
CA THR A 781 15.26 10.02 6.00
C THR A 781 16.54 9.19 6.00
N TYR A 782 17.20 9.04 7.15
CA TYR A 782 18.42 8.26 7.31
C TYR A 782 18.21 6.76 7.05
N VAL A 783 17.22 6.16 7.74
CA VAL A 783 16.87 4.73 7.65
C VAL A 783 16.34 4.40 6.26
N LEU A 784 15.43 5.24 5.74
CA LEU A 784 14.86 5.08 4.41
C LEU A 784 15.82 5.42 3.29
N GLY A 785 16.93 6.08 3.59
CA GLY A 785 17.93 6.45 2.59
C GLY A 785 17.48 7.53 1.64
N ILE A 786 16.93 8.63 2.21
CA ILE A 786 16.44 9.76 1.45
C ILE A 786 17.49 10.87 1.39
N GLY A 787 18.02 11.08 0.19
CA GLY A 787 18.98 12.13 -0.11
C GLY A 787 18.33 13.22 -0.93
N ASP A 788 19.15 14.16 -1.47
CA ASP A 788 18.71 15.30 -2.28
C ASP A 788 17.70 16.16 -1.52
N ARG A 789 17.96 16.34 -0.22
CA ARG A 789 17.15 17.13 0.69
C ARG A 789 17.68 18.56 0.73
N HIS A 790 16.81 19.52 0.40
CA HIS A 790 17.12 20.94 0.36
C HIS A 790 15.91 21.79 0.78
N SER A 791 16.13 23.12 0.95
CA SER A 791 15.14 24.12 1.36
C SER A 791 13.82 24.11 0.57
N ASP A 792 13.84 23.71 -0.72
CA ASP A 792 12.63 23.66 -1.57
C ASP A 792 11.75 22.42 -1.34
N ASN A 793 12.29 21.33 -0.75
CA ASN A 793 11.50 20.12 -0.47
C ASN A 793 11.32 19.80 1.04
N ILE A 794 11.79 20.69 1.93
CA ILE A 794 11.58 20.57 3.38
C ILE A 794 10.61 21.70 3.77
N MET A 795 9.55 21.38 4.53
CA MET A 795 8.50 22.32 4.91
C MET A 795 8.31 22.46 6.41
N ILE A 796 7.71 23.59 6.83
CA ILE A 796 7.40 23.92 8.23
C ILE A 796 5.94 24.34 8.32
N ARG A 797 5.23 23.85 9.34
CA ARG A 797 3.86 24.25 9.62
C ARG A 797 3.92 25.45 10.57
N GLU A 798 2.84 26.28 10.63
CA GLU A 798 2.80 27.47 11.50
C GLU A 798 2.90 27.11 12.99
N SER A 799 2.74 25.80 13.32
CA SER A 799 2.85 25.20 14.64
C SER A 799 4.32 24.97 14.99
N GLY A 800 5.17 24.93 13.96
CA GLY A 800 6.60 24.68 14.09
C GLY A 800 7.01 23.30 13.63
N GLN A 801 6.03 22.42 13.35
CA GLN A 801 6.24 21.04 12.89
C GLN A 801 6.94 21.04 11.54
N LEU A 802 8.04 20.31 11.46
CA LEU A 802 8.81 20.19 10.23
C LEU A 802 8.37 18.90 9.56
N PHE A 803 8.31 18.90 8.21
CA PHE A 803 8.00 17.71 7.41
C PHE A 803 8.67 17.78 6.05
N HIS A 804 8.74 16.64 5.36
CA HIS A 804 9.35 16.56 4.03
C HIS A 804 8.33 16.31 2.94
N ILE A 805 8.65 16.75 1.72
CA ILE A 805 7.82 16.60 0.51
C ILE A 805 8.67 16.14 -0.68
N ASP A 806 8.01 15.79 -1.79
CA ASP A 806 8.58 15.35 -3.06
C ASP A 806 9.83 14.49 -2.91
N PHE A 807 9.68 13.31 -2.25
CA PHE A 807 10.75 12.36 -2.04
C PHE A 807 11.05 11.76 -3.39
N GLY A 808 12.20 12.12 -3.94
CA GLY A 808 12.61 11.67 -5.26
C GLY A 808 13.15 10.26 -5.30
N HIS A 809 14.20 10.00 -4.49
CA HIS A 809 14.91 8.73 -4.47
C HIS A 809 15.12 8.17 -3.06
N PHE A 810 14.68 6.91 -2.81
CA PHE A 810 14.84 6.23 -1.53
C PHE A 810 15.88 5.09 -1.61
N LEU A 811 16.26 4.54 -0.44
CA LEU A 811 17.25 3.48 -0.22
C LEU A 811 18.64 3.87 -0.75
N GLY A 812 18.98 5.15 -0.60
CA GLY A 812 20.24 5.74 -1.03
C GLY A 812 20.50 5.73 -2.52
N ASN A 813 19.49 5.29 -3.33
CA ASN A 813 19.57 5.18 -4.79
C ASN A 813 19.54 6.54 -5.46
N PHE A 814 20.68 7.26 -5.40
CA PHE A 814 20.98 8.58 -5.96
C PHE A 814 20.47 8.79 -7.40
N ARG A 824 24.91 5.32 -0.56
CA ARG A 824 25.03 5.18 0.90
C ARG A 824 25.05 6.58 1.55
N VAL A 825 23.84 7.11 1.83
CA VAL A 825 23.59 8.44 2.38
C VAL A 825 23.90 8.52 3.90
N PRO A 826 24.55 9.60 4.37
CA PRO A 826 24.81 9.72 5.81
C PRO A 826 23.62 10.38 6.53
N PHE A 827 23.74 10.58 7.86
CA PHE A 827 22.76 11.29 8.67
C PHE A 827 22.82 12.77 8.25
N ILE A 828 21.68 13.48 8.27
CA ILE A 828 21.64 14.89 7.88
C ILE A 828 21.28 15.79 9.05
N LEU A 829 22.11 16.81 9.27
CA LEU A 829 21.92 17.84 10.27
C LEU A 829 22.27 19.21 9.67
N THR A 830 21.32 20.16 9.76
CA THR A 830 21.45 21.51 9.19
C THR A 830 21.61 22.54 10.29
N TYR A 831 22.59 23.47 10.13
CA TYR A 831 22.90 24.58 11.04
C TYR A 831 21.66 25.39 11.38
N ASP A 832 20.83 25.68 10.36
CA ASP A 832 19.60 26.46 10.46
C ASP A 832 18.58 25.80 11.40
N PHE A 833 18.56 24.46 11.40
CA PHE A 833 17.68 23.65 12.22
C PHE A 833 18.21 23.56 13.66
N VAL A 834 19.50 23.19 13.82
CA VAL A 834 20.22 23.11 15.11
C VAL A 834 20.10 24.44 15.89
N HIS A 835 20.18 25.60 15.16
CA HIS A 835 20.03 26.96 15.69
C HIS A 835 18.65 27.11 16.38
N VAL A 836 17.57 26.69 15.67
CA VAL A 836 16.19 26.70 16.15
C VAL A 836 16.07 25.82 17.41
N ILE A 837 16.59 24.57 17.35
CA ILE A 837 16.61 23.62 18.48
C ILE A 837 17.31 24.27 19.69
N GLN A 838 18.47 24.90 19.45
CA GLN A 838 19.29 25.57 20.45
C GLN A 838 18.76 26.96 20.86
N GLN A 839 17.48 27.27 20.52
CA GLN A 839 16.75 28.51 20.85
C GLN A 839 17.49 29.81 20.46
N GLY A 840 18.06 29.84 19.26
CA GLY A 840 18.81 31.01 18.78
C GLY A 840 20.16 31.22 19.45
N LYS A 841 20.40 30.55 20.59
CA LYS A 841 21.65 30.61 21.33
C LYS A 841 22.72 29.84 20.56
N THR A 842 23.90 30.46 20.37
CA THR A 842 25.06 29.90 19.67
C THR A 842 25.49 28.58 20.35
N ASN A 843 25.42 28.55 21.70
CA ASN A 843 25.74 27.40 22.54
C ASN A 843 24.57 27.08 23.47
N ASN A 844 24.01 25.86 23.35
CA ASN A 844 22.88 25.36 24.14
C ASN A 844 22.93 23.82 24.14
N SER A 845 23.58 23.22 25.17
CA SER A 845 23.76 21.76 25.27
C SER A 845 22.54 21.03 25.83
N GLU A 846 21.78 21.66 26.75
CA GLU A 846 20.58 21.04 27.33
C GLU A 846 19.56 20.78 26.24
N LYS A 847 19.27 21.79 25.40
CA LYS A 847 18.32 21.67 24.30
C LYS A 847 18.83 20.74 23.21
N PHE A 848 20.13 20.79 22.87
CA PHE A 848 20.72 19.90 21.86
C PHE A 848 20.85 18.44 22.30
N GLU A 849 21.21 18.20 23.58
CA GLU A 849 21.36 16.83 24.10
C GLU A 849 20.02 16.14 24.30
N ARG A 850 18.94 16.92 24.50
CA ARG A 850 17.58 16.42 24.60
C ARG A 850 17.23 15.89 23.19
N PHE A 851 17.47 16.73 22.15
CA PHE A 851 17.28 16.42 20.74
C PHE A 851 18.09 15.18 20.31
N ARG A 852 19.32 15.00 20.88
CA ARG A 852 20.17 13.85 20.59
C ARG A 852 19.55 12.55 21.16
N GLY A 853 18.81 12.68 22.27
CA GLY A 853 18.10 11.58 22.91
C GLY A 853 16.93 11.11 22.09
N TYR A 854 16.14 12.06 21.54
CA TYR A 854 15.00 11.80 20.67
C TYR A 854 15.45 10.97 19.44
N CYS A 855 16.56 11.39 18.77
CA CYS A 855 17.16 10.72 17.60
C CYS A 855 17.53 9.27 17.94
N GLU A 856 18.14 9.07 19.14
CA GLU A 856 18.58 7.78 19.68
C GLU A 856 17.39 6.85 19.96
N ARG A 857 16.38 7.31 20.75
CA ARG A 857 15.21 6.52 21.10
C ARG A 857 14.46 6.08 19.84
N ALA A 858 14.19 7.05 18.92
CA ALA A 858 13.53 6.84 17.62
C ALA A 858 14.22 5.72 16.85
N TYR A 859 15.56 5.75 16.80
CA TYR A 859 16.39 4.77 16.11
C TYR A 859 16.34 3.38 16.75
N THR A 860 16.42 3.29 18.10
CA THR A 860 16.41 2.01 18.83
C THR A 860 15.05 1.31 18.73
N ILE A 861 13.93 2.07 18.81
CA ILE A 861 12.57 1.55 18.71
C ILE A 861 12.39 0.86 17.35
N LEU A 862 12.76 1.54 16.24
CA LEU A 862 12.65 1.01 14.88
C LEU A 862 13.49 -0.24 14.64
N ARG A 863 14.67 -0.33 15.29
CA ARG A 863 15.59 -1.47 15.21
C ARG A 863 14.95 -2.77 15.73
N ARG A 864 14.05 -2.64 16.73
CA ARG A 864 13.31 -3.74 17.35
C ARG A 864 12.28 -4.29 16.37
N HIS A 865 11.80 -3.43 15.45
CA HIS A 865 10.82 -3.76 14.41
C HIS A 865 11.48 -3.85 13.03
N GLY A 866 12.81 -3.93 12.99
CA GLY A 866 13.61 -4.08 11.77
C GLY A 866 13.11 -5.15 10.81
N LEU A 867 12.58 -6.27 11.38
CA LEU A 867 12.00 -7.39 10.65
C LEU A 867 10.68 -6.99 9.98
N LEU A 868 9.85 -6.14 10.64
CA LEU A 868 8.59 -5.66 10.07
C LEU A 868 8.88 -4.90 8.78
N PHE A 869 9.85 -3.94 8.85
CA PHE A 869 10.31 -3.16 7.70
C PHE A 869 10.91 -4.05 6.60
N LEU A 870 11.74 -5.02 6.97
CA LEU A 870 12.34 -5.95 6.00
C LEU A 870 11.33 -6.85 5.31
N HIS A 871 10.26 -7.28 6.03
CA HIS A 871 9.22 -8.13 5.42
C HIS A 871 8.36 -7.34 4.43
N LEU A 872 7.99 -6.11 4.80
CA LEU A 872 7.19 -5.23 3.97
C LEU A 872 7.95 -4.76 2.74
N PHE A 873 9.25 -4.48 2.88
CA PHE A 873 10.07 -4.11 1.73
C PHE A 873 10.28 -5.30 0.79
N ALA A 874 10.37 -6.52 1.37
CA ALA A 874 10.48 -7.78 0.61
C ALA A 874 9.21 -8.00 -0.21
N LEU A 875 8.00 -7.87 0.41
CA LEU A 875 6.71 -8.00 -0.26
C LEU A 875 6.52 -6.93 -1.35
N MET A 876 7.06 -5.70 -1.13
CA MET A 876 6.99 -4.57 -2.04
C MET A 876 7.80 -4.72 -3.31
N ARG A 877 8.80 -5.64 -3.32
CA ARG A 877 9.65 -5.93 -4.49
C ARG A 877 8.83 -6.24 -5.75
N ALA A 878 7.61 -6.80 -5.54
CA ALA A 878 6.62 -7.18 -6.55
C ALA A 878 6.11 -6.03 -7.41
N ALA A 879 6.09 -4.78 -6.86
CA ALA A 879 5.58 -3.56 -7.49
C ALA A 879 6.28 -3.12 -8.80
N GLY A 880 7.56 -3.47 -8.94
CA GLY A 880 8.32 -3.13 -10.13
C GLY A 880 9.09 -1.82 -10.03
N LEU A 881 9.07 -1.20 -8.83
CA LEU A 881 9.76 0.04 -8.51
C LEU A 881 11.26 -0.04 -8.86
N PRO A 882 11.78 0.86 -9.73
CA PRO A 882 13.20 0.78 -10.08
C PRO A 882 14.15 1.03 -8.92
N GLU A 883 13.59 1.37 -7.73
CA GLU A 883 14.35 1.66 -6.50
C GLU A 883 14.23 0.54 -5.43
N LEU A 884 13.52 -0.54 -5.77
CA LEU A 884 13.30 -1.73 -4.96
C LEU A 884 13.30 -2.92 -5.93
N SER A 885 14.44 -3.08 -6.64
CA SER A 885 14.65 -4.07 -7.70
C SER A 885 15.31 -5.36 -7.27
N CYS A 886 16.33 -5.26 -6.39
CA CYS A 886 17.16 -6.38 -5.96
C CYS A 886 17.39 -6.48 -4.45
N SER A 887 18.22 -7.47 -4.04
CA SER A 887 18.61 -7.75 -2.66
C SER A 887 19.50 -6.65 -2.10
N LYS A 888 20.22 -5.92 -2.97
CA LYS A 888 21.08 -4.79 -2.58
C LYS A 888 20.26 -3.61 -2.05
N ASP A 889 18.96 -3.57 -2.39
CA ASP A 889 18.02 -2.55 -1.93
C ASP A 889 17.54 -2.93 -0.52
N ILE A 890 17.26 -4.23 -0.28
CA ILE A 890 16.89 -4.80 1.03
C ILE A 890 18.10 -4.64 1.97
N GLN A 891 19.32 -4.91 1.43
CA GLN A 891 20.58 -4.80 2.16
C GLN A 891 20.86 -3.37 2.62
N TYR A 892 20.34 -2.35 1.88
CA TYR A 892 20.49 -0.95 2.29
C TYR A 892 19.80 -0.73 3.65
N LEU A 893 18.57 -1.25 3.80
CA LEU A 893 17.75 -1.17 5.00
C LEU A 893 18.39 -1.96 6.13
N LYS A 894 19.05 -3.10 5.80
CA LYS A 894 19.73 -3.97 6.75
C LYS A 894 20.91 -3.24 7.40
N ASP A 895 21.62 -2.41 6.63
CA ASP A 895 22.80 -1.65 7.09
C ASP A 895 22.45 -0.38 7.85
N SER A 896 21.39 0.34 7.43
CA SER A 896 20.94 1.56 8.10
C SER A 896 20.31 1.23 9.47
N LEU A 897 19.88 -0.04 9.66
CA LEU A 897 19.29 -0.53 10.91
C LEU A 897 20.22 -1.45 11.71
N ALA A 898 21.22 -2.08 11.06
CA ALA A 898 22.21 -3.01 11.65
C ALA A 898 21.57 -4.22 12.33
N THR A 902 23.38 -6.65 18.13
CA THR A 902 23.14 -6.18 19.50
C THR A 902 22.84 -4.68 19.54
N GLU A 903 21.97 -4.27 20.48
CA GLU A 903 21.53 -2.89 20.67
C GLU A 903 22.67 -1.91 20.95
N GLU A 904 23.60 -2.28 21.84
CA GLU A 904 24.75 -1.46 22.23
C GLU A 904 25.75 -1.23 21.10
N GLU A 905 26.14 -2.31 20.38
CA GLU A 905 27.10 -2.26 19.27
C GLU A 905 26.57 -1.52 18.03
N ALA A 906 25.25 -1.24 17.99
CA ALA A 906 24.55 -0.51 16.93
C ALA A 906 24.30 0.95 17.30
N LEU A 907 23.96 1.22 18.58
CA LEU A 907 23.70 2.56 19.13
C LEU A 907 24.98 3.40 19.12
N LYS A 908 26.14 2.76 19.40
CA LYS A 908 27.46 3.40 19.40
C LYS A 908 27.83 3.77 17.96
N HIS A 909 27.53 2.85 17.00
CA HIS A 909 27.77 3.05 15.58
C HIS A 909 26.85 4.14 15.00
N PHE A 910 25.65 4.36 15.61
CA PHE A 910 24.72 5.40 15.24
C PHE A 910 25.30 6.77 15.63
N ARG A 911 25.94 6.85 16.83
CA ARG A 911 26.59 8.05 17.36
C ARG A 911 27.78 8.50 16.49
N VAL A 912 28.42 7.53 15.79
CA VAL A 912 29.53 7.76 14.87
C VAL A 912 29.01 8.54 13.65
N LYS A 913 27.83 8.13 13.13
CA LYS A 913 27.16 8.77 11.99
C LYS A 913 26.54 10.12 12.38
N PHE A 914 26.00 10.21 13.62
CA PHE A 914 25.39 11.42 14.19
C PHE A 914 26.41 12.54 14.39
N ASN A 915 27.61 12.19 14.90
CA ASN A 915 28.69 13.15 15.14
C ASN A 915 29.31 13.65 13.85
N GLU A 916 29.43 12.78 12.83
CA GLU A 916 29.94 13.13 11.50
C GLU A 916 28.99 14.13 10.81
N ALA A 917 27.66 14.04 11.10
CA ALA A 917 26.60 14.91 10.56
C ALA A 917 26.62 16.32 11.18
N LEU A 918 26.90 16.43 12.49
CA LEU A 918 26.97 17.70 13.23
C LEU A 918 28.21 18.50 12.82
N ARG A 919 29.36 17.82 12.65
CA ARG A 919 30.63 18.44 12.27
C ARG A 919 30.61 18.93 10.82
N GLU A 920 29.92 18.19 9.92
CA GLU A 920 29.75 18.53 8.49
C GLU A 920 28.90 19.79 8.31
N SER A 921 28.01 20.08 9.29
CA SER A 921 27.13 21.25 9.33
C SER A 921 27.97 22.55 9.48
N TRP A 922 28.50 23.04 8.33
CA TRP A 922 29.38 24.20 8.17
C TRP A 922 30.60 24.15 9.07
C1 74F B . 4.24 19.38 -5.20
C2 74F B . 3.74 20.58 -4.73
C3 74F B . 4.41 18.30 -4.38
C7 74F B . 3.58 19.68 -2.59
C8 74F B . 2.13 22.46 0.24
C9 74F B . 2.65 20.32 -0.35
C10 74F B . 1.76 19.82 0.57
C11 74F B . 2.28 23.88 0.00
C12 74F B . 2.83 25.66 -1.02
C13 74F B . 2.10 28.71 -2.55
C14 74F B . 1.16 26.53 -3.10
C15 74F B . 1.13 29.30 -3.55
C16 74F B . 0.30 27.21 -4.14
C19 74F B . 3.40 26.58 -2.05
N23 74F B . 2.95 24.36 -1.09
N25 74F B . 3.70 18.23 -0.92
N26 74F B . 3.37 19.48 -1.24
N29 74F B . 1.53 18.45 0.75
C4 74F B . 3.39 20.78 -3.41
C5 74F B . 1.25 21.97 1.16
C6 74F B . 4.06 18.48 -3.04
C17 74F B . 4.49 27.43 -1.43
C18 74F B . 1.66 27.22 0.65
N20 74F B . 1.06 20.65 1.35
N21 74F B . 4.13 17.60 -2.01
N22 74F B . 2.84 21.64 -0.54
N24 74F B . 1.74 24.84 0.77
N27 74F B . 2.11 25.95 0.11
N28 74F B . 2.38 27.30 -2.87
O30 74F B . -0.04 28.49 -3.59
#